data_6VJA
#
_entry.id   6VJA
#
_cell.length_a   1.00
_cell.length_b   1.00
_cell.length_c   1.00
_cell.angle_alpha   90.00
_cell.angle_beta   90.00
_cell.angle_gamma   90.00
#
_symmetry.space_group_name_H-M   'P 1'
#
loop_
_entity.id
_entity.type
_entity.pdbx_description
1 polymer 'B-lymphocyte antigen CD20'
2 polymer 'Rituximab Fab heavy chain'
3 polymer 'Rituximab Fab light chain'
4 non-polymer 'CHOLESTEROL HEMISUCCINATE'
#
loop_
_entity_poly.entity_id
_entity_poly.type
_entity_poly.pdbx_seq_one_letter_code
_entity_poly.pdbx_strand_id
1 'polypeptide(L)'
;MGSTQSFFMRESKTLGAVQIMNGLFHIALGGLLMIPAGIYAPICVTVWYPLWGGIMYIISGSLLAATEKNSRKCLVKGKM
IMNSLSLFAAISGMILSIMDILNIKISHFLKMESLNFIRAHTPYINIYNCEPANPSEKNSPSTQYCYSIQSLFLGILSVM
LIFAFFQELVIAGIVENEWKRTCSRPKSNIVLLSAEEKKEQTIEIKEEVVGLTETSSQPKNEEDIEIIPIQEEEEEETET
NFPEPPQDQESSPIENDSSPGNSENLYFQGHHHHHHHH
;
C,D
2 'polypeptide(L)'
;QVQLQQPGAELVKPGASVKMSCKASGYTFTSYNMHWVKQTPGRGLEWIGAIYPGNGDTSYNQKFKGKATLTADKSSSTAY
MQLSSLTSEDSAVYYCARSTYYGGDWYFNVWGAGTTVTVSAASTKGPSVFPLAPSSKSTSGGTAALGCLVKDYFPEPVTV
SWNSGALTSGVHTFPAVLQSSGLYSLSSVVTVPSSSLGTQTYICNVNHKPSNTKVDKKVEPKSC
;
H,I
3 'polypeptide(L)'
;QIVLSQSPAILSASPGEKVTMTCRASSSVSYIHWFQQKPGSSPKPWIYATSNLASGVPVRFSGSGSGTSYSLTISRVEAE
DAATYYCQQWTSNPPTFGGGTKLEIKRTVAAPSVFIFPPSDEQLKSGTASVVCLLNNFYPREAKVQWKVDNALQSGNSQE
SVTEQDSKDSTYSLSSTLTLSKADYEKHKVYACEVTHQGLSSPVTKSFNRGEC
;
L,M
#
loop_
_chem_comp.id
_chem_comp.type
_chem_comp.name
_chem_comp.formula
Y01 non-polymer 'CHOLESTEROL HEMISUCCINATE' 'C31 H50 O4'
#
# COMPACT_ATOMS: atom_id res chain seq x y z
N MET A 9 -66.01 0.49 -0.65
CA MET A 9 -66.05 1.93 -0.46
C MET A 9 -65.19 2.30 0.74
N ARG A 10 -65.69 2.07 1.96
CA ARG A 10 -65.09 2.70 3.15
C ARG A 10 -63.65 2.24 3.36
N GLU A 11 -63.20 1.25 2.62
CA GLU A 11 -61.78 0.98 2.54
C GLU A 11 -61.03 2.13 1.87
N SER A 12 -61.69 2.88 0.97
CA SER A 12 -60.99 3.79 0.05
C SER A 12 -60.23 4.91 0.77
N LYS A 13 -60.82 5.52 1.79
CA LYS A 13 -60.10 6.54 2.55
C LYS A 13 -58.84 5.98 3.16
N THR A 14 -58.94 4.77 3.68
CA THR A 14 -57.76 4.10 4.19
C THR A 14 -56.75 3.84 3.10
N LEU A 15 -57.20 3.31 1.98
CA LEU A 15 -56.27 3.03 0.90
C LEU A 15 -55.56 4.29 0.46
N GLY A 16 -56.27 5.40 0.40
CA GLY A 16 -55.60 6.64 0.08
C GLY A 16 -54.51 6.98 1.08
N ALA A 17 -54.82 6.84 2.36
CA ALA A 17 -53.81 7.13 3.37
C ALA A 17 -52.58 6.26 3.21
N VAL A 18 -52.79 5.00 2.93
CA VAL A 18 -51.68 4.10 2.70
C VAL A 18 -50.90 4.51 1.48
N GLN A 19 -51.59 4.93 0.44
CA GLN A 19 -50.88 5.31 -0.75
C GLN A 19 -49.99 6.51 -0.47
N ILE A 20 -50.46 7.46 0.33
CA ILE A 20 -49.63 8.61 0.62
C ILE A 20 -48.37 8.24 1.41
N MET A 21 -48.53 7.42 2.44
CA MET A 21 -47.33 7.00 3.16
C MET A 21 -46.34 6.31 2.23
N ASN A 22 -46.85 5.41 1.40
CA ASN A 22 -45.98 4.72 0.47
C ASN A 22 -45.31 5.67 -0.50
N GLY A 23 -45.95 6.78 -0.80
CA GLY A 23 -45.31 7.79 -1.61
C GLY A 23 -44.18 8.53 -0.92
N LEU A 24 -44.35 8.90 0.34
CA LEU A 24 -43.26 9.55 1.04
C LEU A 24 -42.04 8.64 1.22
N PHE A 25 -42.27 7.36 1.43
CA PHE A 25 -41.11 6.48 1.54
C PHE A 25 -40.24 6.45 0.27
N HIS A 26 -40.84 6.59 -0.91
CA HIS A 26 -40.01 6.66 -2.09
C HIS A 26 -39.16 7.91 -2.14
N ILE A 27 -39.68 9.04 -1.70
CA ILE A 27 -38.83 10.24 -1.68
C ILE A 27 -37.66 10.02 -0.73
N ALA A 28 -37.93 9.39 0.40
CA ALA A 28 -36.85 9.14 1.35
C ALA A 28 -35.78 8.21 0.79
N LEU A 29 -36.15 7.02 0.36
CA LEU A 29 -35.14 6.10 -0.17
C LEU A 29 -34.47 6.64 -1.43
N GLY A 30 -35.20 7.34 -2.28
CA GLY A 30 -34.55 7.93 -3.43
C GLY A 30 -33.47 8.92 -3.11
N GLY A 31 -33.71 9.78 -2.12
CA GLY A 31 -32.66 10.71 -1.74
C GLY A 31 -31.45 10.02 -1.14
N LEU A 32 -31.68 9.08 -0.25
CA LEU A 32 -30.63 8.32 0.41
C LEU A 32 -29.75 7.57 -0.59
N LEU A 33 -30.35 6.97 -1.59
CA LEU A 33 -29.63 6.23 -2.63
C LEU A 33 -28.76 7.10 -3.51
N MET A 34 -29.01 8.40 -3.57
CA MET A 34 -28.28 9.32 -4.41
C MET A 34 -27.04 9.90 -3.73
N ILE A 35 -26.77 9.54 -2.49
CA ILE A 35 -25.51 9.91 -1.84
C ILE A 35 -24.33 9.46 -2.66
N PRO A 36 -23.32 10.31 -2.84
CA PRO A 36 -22.15 9.98 -3.65
C PRO A 36 -21.55 8.63 -3.32
N ALA A 37 -21.37 7.82 -4.34
CA ALA A 37 -20.86 6.47 -4.12
C ALA A 37 -20.14 5.93 -5.35
N GLY A 38 -19.76 6.79 -6.29
CA GLY A 38 -18.99 6.33 -7.42
C GLY A 38 -19.32 6.99 -8.73
N ILE A 39 -18.61 6.63 -9.79
CA ILE A 39 -18.89 7.18 -11.12
C ILE A 39 -20.16 6.60 -11.72
N TYR A 40 -20.51 5.36 -11.39
CA TYR A 40 -21.75 4.76 -11.88
C TYR A 40 -22.79 4.70 -10.78
N ALA A 41 -24.01 5.08 -11.14
CA ALA A 41 -25.16 5.11 -10.29
C ALA A 41 -26.25 4.21 -10.83
N PRO A 42 -27.11 3.69 -9.97
CA PRO A 42 -28.18 2.79 -10.42
C PRO A 42 -29.11 3.45 -11.42
N ILE A 43 -29.60 2.62 -12.36
CA ILE A 43 -30.39 3.10 -13.49
C ILE A 43 -31.54 3.96 -13.01
N CYS A 44 -32.29 3.46 -12.03
CA CYS A 44 -33.45 4.17 -11.50
C CYS A 44 -33.11 5.58 -11.07
N VAL A 45 -31.94 5.79 -10.51
CA VAL A 45 -31.57 7.14 -10.11
C VAL A 45 -31.26 7.98 -11.34
N THR A 46 -30.56 7.41 -12.30
CA THR A 46 -30.28 8.15 -13.53
C THR A 46 -31.54 8.38 -14.35
N VAL A 47 -32.48 7.45 -14.30
CA VAL A 47 -33.81 7.69 -14.85
C VAL A 47 -34.56 8.72 -14.03
N TRP A 48 -34.10 9.01 -12.82
CA TRP A 48 -34.72 9.97 -11.91
C TRP A 48 -36.05 9.47 -11.37
N TYR A 49 -36.29 8.16 -11.45
CA TYR A 49 -37.57 7.57 -11.04
C TYR A 49 -38.03 7.90 -9.64
N PRO A 50 -37.21 7.80 -8.60
CA PRO A 50 -37.74 7.93 -7.24
C PRO A 50 -38.50 9.21 -6.99
N LEU A 51 -38.18 10.29 -7.69
CA LEU A 51 -38.99 11.50 -7.52
C LEU A 51 -40.35 11.41 -8.21
N TRP A 52 -40.36 11.12 -9.51
CA TRP A 52 -41.63 11.15 -10.22
C TRP A 52 -42.58 10.08 -9.71
N GLY A 53 -42.07 8.91 -9.35
CA GLY A 53 -42.91 7.89 -8.81
C GLY A 53 -43.67 8.36 -7.58
N GLY A 54 -42.92 8.81 -6.58
CA GLY A 54 -43.53 9.32 -5.37
C GLY A 54 -44.52 10.44 -5.62
N ILE A 55 -44.16 11.38 -6.49
CA ILE A 55 -45.07 12.48 -6.80
C ILE A 55 -46.38 11.95 -7.37
N MET A 56 -46.29 11.05 -8.33
CA MET A 56 -47.53 10.54 -8.90
C MET A 56 -48.30 9.68 -7.90
N TYR A 57 -47.60 8.96 -7.03
CA TYR A 57 -48.30 8.25 -5.98
C TYR A 57 -49.08 9.17 -5.07
N ILE A 58 -48.52 10.32 -4.73
CA ILE A 58 -49.29 11.22 -3.89
C ILE A 58 -50.45 11.82 -4.66
N ILE A 59 -50.21 12.27 -5.89
CA ILE A 59 -51.30 12.84 -6.67
C ILE A 59 -52.42 11.83 -6.79
N SER A 60 -52.08 10.60 -7.05
CA SER A 60 -53.08 9.58 -7.12
C SER A 60 -53.75 9.34 -5.79
N GLY A 61 -53.31 10.00 -4.75
CA GLY A 61 -54.13 10.05 -3.57
C GLY A 61 -55.41 10.83 -3.75
N SER A 62 -55.66 11.40 -4.92
CA SER A 62 -56.89 12.16 -5.12
C SER A 62 -58.13 11.43 -4.67
N LEU A 63 -58.09 10.12 -4.64
CA LEU A 63 -59.20 9.42 -4.03
C LEU A 63 -59.26 9.85 -2.57
N LEU A 64 -58.33 10.69 -2.13
CA LEU A 64 -58.54 11.26 -0.82
C LEU A 64 -59.73 12.18 -0.77
N ALA A 65 -60.25 12.59 -1.91
CA ALA A 65 -61.46 13.38 -1.92
C ALA A 65 -62.66 12.55 -1.48
N ALA A 66 -63.52 13.16 -0.70
CA ALA A 66 -64.71 12.48 -0.24
C ALA A 66 -65.61 12.20 -1.43
N THR A 67 -66.36 11.11 -1.37
CA THR A 67 -67.20 10.70 -2.48
C THR A 67 -68.46 11.56 -2.50
N GLU A 68 -68.27 12.83 -2.90
CA GLU A 68 -69.37 13.74 -3.14
C GLU A 68 -70.19 13.37 -4.38
N LYS A 69 -71.27 12.63 -4.17
CA LYS A 69 -72.20 12.18 -5.21
C LYS A 69 -73.17 13.28 -5.64
N ASN A 70 -72.70 14.50 -5.89
CA ASN A 70 -73.57 15.63 -6.16
C ASN A 70 -74.07 15.65 -7.61
N SER A 71 -75.17 14.92 -7.85
CA SER A 71 -75.75 14.67 -9.16
C SER A 71 -74.89 13.83 -10.10
N ARG A 72 -73.63 14.23 -10.27
CA ARG A 72 -72.60 13.37 -10.82
C ARG A 72 -71.35 13.60 -9.98
N LYS A 73 -70.63 12.50 -9.73
CA LYS A 73 -69.60 12.49 -8.69
C LYS A 73 -68.54 13.57 -8.87
N CYS A 74 -68.22 14.24 -7.75
CA CYS A 74 -67.25 15.32 -7.75
C CYS A 74 -65.82 14.80 -7.92
N LEU A 75 -65.61 13.49 -7.81
CA LEU A 75 -64.38 12.85 -8.24
C LEU A 75 -64.44 12.97 -9.75
N VAL A 76 -63.97 14.12 -10.25
CA VAL A 76 -64.12 14.41 -11.67
C VAL A 76 -63.45 13.33 -12.49
N LYS A 77 -64.13 12.94 -13.56
CA LYS A 77 -63.75 11.76 -14.34
C LYS A 77 -62.31 11.77 -14.79
N GLY A 78 -61.75 12.95 -15.02
CA GLY A 78 -60.33 13.06 -15.29
C GLY A 78 -59.45 12.43 -14.23
N LYS A 79 -59.91 12.42 -13.00
CA LYS A 79 -59.19 11.72 -11.96
C LYS A 79 -59.00 10.24 -12.25
N MET A 80 -59.93 9.62 -12.96
CA MET A 80 -59.72 8.23 -13.34
C MET A 80 -58.51 8.11 -14.24
N ILE A 81 -58.30 9.07 -15.12
CA ILE A 81 -57.09 9.04 -15.92
C ILE A 81 -55.89 9.22 -15.02
N MET A 82 -56.00 10.12 -14.06
CA MET A 82 -54.94 10.34 -13.09
C MET A 82 -54.57 9.05 -12.37
N ASN A 83 -55.57 8.36 -11.88
CA ASN A 83 -55.29 7.09 -11.23
C ASN A 83 -54.57 6.14 -12.18
N SER A 84 -55.06 6.02 -13.42
CA SER A 84 -54.44 5.09 -14.38
C SER A 84 -52.99 5.40 -14.69
N LEU A 85 -52.68 6.68 -14.89
CA LEU A 85 -51.29 7.01 -15.15
C LEU A 85 -50.43 6.65 -13.95
N SER A 86 -50.96 6.81 -12.76
CA SER A 86 -50.17 6.41 -11.60
C SER A 86 -49.93 4.91 -11.56
N LEU A 87 -50.87 4.12 -12.07
CA LEU A 87 -50.59 2.69 -12.21
C LEU A 87 -49.47 2.41 -13.20
N PHE A 88 -49.39 3.21 -14.26
CA PHE A 88 -48.27 3.06 -15.17
C PHE A 88 -46.95 3.37 -14.50
N ALA A 89 -46.95 4.37 -13.63
CA ALA A 89 -45.77 4.65 -12.83
C ALA A 89 -45.40 3.50 -11.91
N ALA A 90 -46.38 2.83 -11.33
CA ALA A 90 -46.09 1.70 -10.45
C ALA A 90 -45.40 0.55 -11.18
N ILE A 91 -45.95 0.16 -12.32
CA ILE A 91 -45.33 -0.95 -13.06
C ILE A 91 -43.91 -0.59 -13.46
N SER A 92 -43.74 0.56 -14.11
CA SER A 92 -42.42 0.94 -14.57
C SER A 92 -41.41 1.02 -13.42
N GLY A 93 -41.84 1.56 -12.28
CA GLY A 93 -40.95 1.60 -11.13
C GLY A 93 -40.52 0.23 -10.65
N MET A 94 -41.40 -0.74 -10.68
CA MET A 94 -40.99 -2.07 -10.25
C MET A 94 -39.95 -2.64 -11.20
N ILE A 95 -40.23 -2.56 -12.50
CA ILE A 95 -39.30 -3.14 -13.47
C ILE A 95 -37.92 -2.50 -13.37
N LEU A 96 -37.85 -1.18 -13.20
CA LEU A 96 -36.54 -0.55 -13.11
C LEU A 96 -35.71 -1.09 -11.94
N SER A 97 -36.34 -1.34 -10.80
CA SER A 97 -35.61 -1.81 -9.63
C SER A 97 -35.12 -3.23 -9.81
N ILE A 98 -35.96 -4.10 -10.36
CA ILE A 98 -35.51 -5.47 -10.59
C ILE A 98 -34.48 -5.56 -11.71
N MET A 99 -34.37 -4.55 -12.56
CA MET A 99 -33.22 -4.48 -13.47
C MET A 99 -31.93 -4.05 -12.76
N ASP A 100 -32.03 -2.98 -11.96
CA ASP A 100 -30.85 -2.48 -11.25
C ASP A 100 -30.26 -3.56 -10.35
N ILE A 101 -31.09 -4.30 -9.62
CA ILE A 101 -30.56 -5.31 -8.73
C ILE A 101 -29.78 -6.38 -9.49
N LEU A 102 -30.09 -6.60 -10.76
CA LEU A 102 -29.27 -7.50 -11.56
C LEU A 102 -27.96 -6.87 -11.98
N ASN A 103 -27.95 -5.59 -12.33
CA ASN A 103 -26.69 -4.97 -12.72
C ASN A 103 -25.62 -5.00 -11.63
N ILE A 104 -26.01 -5.00 -10.36
CA ILE A 104 -25.06 -5.16 -9.26
C ILE A 104 -24.45 -6.55 -9.14
N LYS A 105 -25.12 -7.60 -9.57
CA LYS A 105 -24.70 -8.91 -9.11
C LYS A 105 -24.22 -9.87 -10.18
N ILE A 106 -24.37 -9.56 -11.46
CA ILE A 106 -23.77 -10.38 -12.50
C ILE A 106 -22.84 -9.52 -13.35
N SER A 107 -23.39 -8.61 -14.14
CA SER A 107 -22.55 -7.69 -14.90
C SER A 107 -23.40 -6.51 -15.34
N HIS A 108 -22.73 -5.47 -15.84
CA HIS A 108 -23.42 -4.35 -16.46
C HIS A 108 -24.20 -4.73 -17.70
N PHE A 109 -25.52 -4.87 -17.56
CA PHE A 109 -26.41 -4.73 -18.70
C PHE A 109 -26.40 -3.33 -19.25
N LEU A 110 -26.26 -2.32 -18.39
CA LEU A 110 -26.14 -0.93 -18.79
C LEU A 110 -25.15 -0.23 -17.86
N LYS A 111 -24.55 0.84 -18.35
CA LYS A 111 -23.86 1.76 -17.46
C LYS A 111 -24.33 3.18 -17.73
N MET A 112 -24.48 3.95 -16.65
CA MET A 112 -24.99 5.32 -16.70
C MET A 112 -24.13 6.28 -15.90
N GLU A 113 -23.83 7.42 -16.48
CA GLU A 113 -22.76 8.35 -16.13
C GLU A 113 -22.99 9.13 -14.85
N SER A 114 -24.01 8.84 -14.05
CA SER A 114 -24.37 9.64 -12.88
C SER A 114 -24.59 11.12 -13.24
N LEU A 115 -24.47 12.00 -12.25
CA LEU A 115 -24.63 13.44 -12.44
C LEU A 115 -23.42 14.18 -11.91
N ASN A 116 -23.06 15.26 -12.60
CA ASN A 116 -21.75 15.88 -12.43
C ASN A 116 -21.50 16.33 -10.99
N PHE A 117 -22.48 16.94 -10.35
CA PHE A 117 -22.29 17.35 -8.95
C PHE A 117 -22.24 16.18 -7.98
N ILE A 118 -22.68 14.99 -8.38
CA ILE A 118 -22.44 13.81 -7.58
C ILE A 118 -20.99 13.34 -7.71
N ARG A 119 -20.49 13.28 -8.94
CA ARG A 119 -19.11 12.86 -9.20
C ARG A 119 -18.09 13.73 -8.48
N ALA A 120 -18.39 15.00 -8.27
CA ALA A 120 -17.49 15.87 -7.51
C ALA A 120 -17.14 15.34 -6.12
N HIS A 121 -17.85 14.35 -5.59
CA HIS A 121 -17.49 13.81 -4.29
C HIS A 121 -16.95 12.39 -4.28
N THR A 122 -17.09 11.63 -5.36
CA THR A 122 -16.56 10.26 -5.42
C THR A 122 -16.05 9.99 -6.83
N PRO A 123 -15.00 10.70 -7.25
CA PRO A 123 -14.56 10.57 -8.65
C PRO A 123 -13.76 9.31 -8.94
N TYR A 124 -13.14 8.67 -7.95
CA TYR A 124 -12.27 7.53 -8.18
C TYR A 124 -12.88 6.21 -7.73
N ILE A 125 -14.20 6.12 -7.61
CA ILE A 125 -14.86 4.95 -7.05
C ILE A 125 -15.85 4.34 -8.03
N ASN A 126 -15.87 3.01 -8.05
CA ASN A 126 -16.92 2.21 -8.66
C ASN A 126 -17.30 1.12 -7.69
N ILE A 127 -18.60 0.86 -7.58
CA ILE A 127 -19.11 -0.23 -6.74
C ILE A 127 -19.49 -1.48 -7.52
N TYR A 128 -19.46 -1.41 -8.84
CA TYR A 128 -19.90 -2.50 -9.71
C TYR A 128 -18.80 -3.51 -10.01
N ASN A 129 -17.53 -3.13 -9.87
CA ASN A 129 -16.47 -4.11 -9.74
C ASN A 129 -15.57 -3.72 -8.59
N CYS A 130 -15.11 -4.74 -7.89
CA CYS A 130 -14.76 -4.57 -6.48
C CYS A 130 -13.61 -5.47 -6.05
N GLU A 131 -12.95 -6.15 -6.95
CA GLU A 131 -11.91 -7.11 -6.69
C GLU A 131 -10.55 -6.51 -7.02
N PRO A 132 -9.55 -6.69 -6.18
CA PRO A 132 -8.27 -6.04 -6.39
C PRO A 132 -7.49 -6.72 -7.50
N ALA A 133 -6.71 -5.92 -8.21
CA ALA A 133 -5.78 -6.48 -9.16
C ALA A 133 -4.60 -7.14 -8.46
N ASN A 134 -4.26 -6.72 -7.26
CA ASN A 134 -3.11 -7.24 -6.53
C ASN A 134 -3.51 -8.25 -5.49
N PRO A 135 -3.22 -9.53 -5.66
CA PRO A 135 -3.73 -10.54 -4.74
C PRO A 135 -3.26 -10.38 -3.31
N SER A 136 -2.16 -9.69 -3.04
CA SER A 136 -1.78 -9.37 -1.68
C SER A 136 -2.86 -8.61 -0.93
N GLU A 137 -3.76 -7.95 -1.63
CA GLU A 137 -4.78 -7.08 -1.06
C GLU A 137 -6.08 -7.78 -0.70
N LYS A 138 -6.24 -9.06 -0.99
CA LYS A 138 -7.54 -9.69 -0.82
C LYS A 138 -8.00 -9.71 0.63
N ASN A 139 -7.14 -9.42 1.59
CA ASN A 139 -7.59 -9.24 2.96
C ASN A 139 -7.43 -7.82 3.47
N SER A 140 -7.04 -6.89 2.61
CA SER A 140 -6.92 -5.51 3.03
C SER A 140 -8.29 -4.96 3.40
N PRO A 141 -8.38 -4.14 4.45
CA PRO A 141 -9.64 -3.49 4.79
C PRO A 141 -10.37 -2.79 3.66
N SER A 142 -9.66 -2.19 2.70
CA SER A 142 -10.32 -1.56 1.57
C SER A 142 -11.28 -2.47 0.82
N THR A 143 -11.00 -3.75 0.77
CA THR A 143 -11.94 -4.64 0.09
C THR A 143 -13.18 -4.87 0.94
N GLN A 144 -13.02 -4.97 2.24
CA GLN A 144 -14.17 -5.14 3.08
C GLN A 144 -15.05 -3.91 3.06
N TYR A 145 -14.44 -2.73 2.95
CA TYR A 145 -15.20 -1.53 2.72
C TYR A 145 -16.04 -1.61 1.46
N CYS A 146 -15.42 -2.01 0.35
CA CYS A 146 -16.18 -2.08 -0.89
C CYS A 146 -17.34 -3.09 -0.82
N TYR A 147 -17.09 -4.30 -0.34
CA TYR A 147 -18.22 -5.22 -0.25
C TYR A 147 -19.32 -4.72 0.67
N SER A 148 -18.97 -4.00 1.74
CA SER A 148 -20.05 -3.50 2.58
C SER A 148 -20.90 -2.50 1.83
N ILE A 149 -20.28 -1.67 1.00
CA ILE A 149 -21.08 -0.71 0.25
C ILE A 149 -21.99 -1.41 -0.75
N GLN A 150 -21.49 -2.44 -1.44
CA GLN A 150 -22.40 -3.20 -2.29
C GLN A 150 -23.58 -3.77 -1.51
N SER A 151 -23.34 -4.27 -0.31
CA SER A 151 -24.44 -4.86 0.44
C SER A 151 -25.47 -3.81 0.83
N LEU A 152 -25.03 -2.61 1.17
CA LEU A 152 -25.99 -1.54 1.40
C LEU A 152 -26.80 -1.20 0.16
N PHE A 153 -26.17 -1.12 -1.01
CA PHE A 153 -26.98 -0.82 -2.18
C PHE A 153 -27.97 -1.91 -2.52
N LEU A 154 -27.57 -3.17 -2.44
CA LEU A 154 -28.55 -4.24 -2.61
C LEU A 154 -29.70 -4.12 -1.62
N GLY A 155 -29.42 -3.77 -0.38
CA GLY A 155 -30.48 -3.57 0.57
C GLY A 155 -31.46 -2.48 0.18
N ILE A 156 -30.95 -1.29 -0.10
CA ILE A 156 -31.83 -0.17 -0.41
C ILE A 156 -32.70 -0.50 -1.62
N LEU A 157 -32.09 -1.09 -2.65
CA LEU A 157 -32.86 -1.42 -3.85
C LEU A 157 -33.91 -2.51 -3.59
N SER A 158 -33.60 -3.49 -2.75
CA SER A 158 -34.59 -4.51 -2.48
C SER A 158 -35.78 -3.97 -1.68
N VAL A 159 -35.53 -3.08 -0.73
CA VAL A 159 -36.64 -2.43 -0.04
C VAL A 159 -37.45 -1.56 -0.98
N MET A 160 -36.80 -0.82 -1.87
CA MET A 160 -37.57 -0.09 -2.86
C MET A 160 -38.42 -1.03 -3.70
N LEU A 161 -37.87 -2.16 -4.11
CA LEU A 161 -38.64 -3.10 -4.91
C LEU A 161 -39.90 -3.56 -4.19
N ILE A 162 -39.77 -3.96 -2.94
CA ILE A 162 -40.95 -4.50 -2.26
C ILE A 162 -41.99 -3.42 -1.96
N PHE A 163 -41.57 -2.24 -1.55
CA PHE A 163 -42.58 -1.21 -1.35
C PHE A 163 -43.20 -0.69 -2.64
N ALA A 164 -42.45 -0.68 -3.74
CA ALA A 164 -43.07 -0.33 -5.01
C ALA A 164 -44.08 -1.37 -5.45
N PHE A 165 -43.71 -2.64 -5.36
CA PHE A 165 -44.64 -3.73 -5.62
C PHE A 165 -45.91 -3.59 -4.81
N PHE A 166 -45.81 -3.05 -3.59
CA PHE A 166 -47.00 -2.86 -2.77
C PHE A 166 -48.00 -1.84 -3.32
N GLN A 167 -47.60 -0.98 -4.26
CA GLN A 167 -48.61 -0.24 -5.02
C GLN A 167 -49.42 -1.10 -5.96
N GLU A 168 -48.74 -1.83 -6.84
CA GLU A 168 -49.42 -2.57 -7.90
C GLU A 168 -50.44 -3.55 -7.33
N LEU A 169 -50.21 -4.09 -6.14
CA LEU A 169 -51.23 -4.91 -5.52
C LEU A 169 -52.53 -4.15 -5.27
N VAL A 170 -52.47 -2.84 -5.12
CA VAL A 170 -53.67 -2.10 -4.69
C VAL A 170 -53.99 -0.89 -5.53
N ILE A 171 -53.05 -0.28 -6.25
CA ILE A 171 -53.46 0.93 -6.94
C ILE A 171 -54.39 0.65 -8.09
N ALA A 172 -54.63 -0.62 -8.40
CA ALA A 172 -55.68 -0.97 -9.34
C ALA A 172 -57.07 -0.74 -8.77
N GLY A 173 -57.20 -0.65 -7.46
CA GLY A 173 -58.46 -0.31 -6.83
C GLY A 173 -58.81 1.15 -7.06
N MET B 9 -63.21 12.28 15.32
CA MET B 9 -63.47 10.86 15.25
C MET B 9 -62.98 10.31 13.91
N ARG B 10 -63.69 10.62 12.83
CA ARG B 10 -63.51 9.86 11.58
C ARG B 10 -62.08 9.94 11.06
N GLU B 11 -61.31 10.90 11.55
CA GLU B 11 -59.88 10.88 11.29
C GLU B 11 -59.23 9.62 11.83
N SER B 12 -59.79 9.02 12.89
CA SER B 12 -59.10 7.96 13.65
C SER B 12 -58.73 6.74 12.82
N LYS B 13 -59.62 6.28 11.94
CA LYS B 13 -59.29 5.16 11.08
C LYS B 13 -58.11 5.48 10.19
N THR B 14 -58.10 6.68 9.65
CA THR B 14 -56.98 7.12 8.86
C THR B 14 -55.71 7.19 9.68
N LEU B 15 -55.81 7.77 10.86
CA LEU B 15 -54.62 7.84 11.69
C LEU B 15 -54.08 6.47 11.99
N GLY B 16 -54.94 5.52 12.28
CA GLY B 16 -54.45 4.17 12.48
C GLY B 16 -53.72 3.63 11.27
N ALA B 17 -54.26 3.86 10.10
CA ALA B 17 -53.59 3.41 8.89
C ALA B 17 -52.21 4.01 8.75
N VAL B 18 -52.10 5.29 9.01
CA VAL B 18 -50.81 5.95 8.94
C VAL B 18 -49.87 5.36 9.97
N GLN B 19 -50.38 5.09 11.15
CA GLN B 19 -49.51 4.54 12.17
C GLN B 19 -48.96 3.20 11.74
N ILE B 20 -49.78 2.38 11.10
CA ILE B 20 -49.29 1.06 10.68
C ILE B 20 -48.20 1.18 9.62
N MET B 21 -48.42 2.02 8.60
CA MET B 21 -47.35 2.18 7.62
C MET B 21 -46.06 2.68 8.26
N ASN B 22 -46.18 3.65 9.16
CA ASN B 22 -45.01 4.16 9.84
C ASN B 22 -44.32 3.10 10.66
N GLY B 23 -45.08 2.13 11.16
CA GLY B 23 -44.45 1.02 11.85
C GLY B 23 -43.70 0.06 10.95
N LEU B 24 -44.24 -0.22 9.77
CA LEU B 24 -43.48 -1.10 8.87
C LEU B 24 -42.18 -0.46 8.39
N PHE B 25 -42.19 0.84 8.14
CA PHE B 25 -40.95 1.43 7.64
C PHE B 25 -39.83 1.37 8.68
N HIS B 26 -40.15 1.39 9.98
CA HIS B 26 -39.12 1.15 10.99
C HIS B 26 -38.52 -0.23 10.90
N ILE B 27 -39.32 -1.25 10.64
CA ILE B 27 -38.75 -2.58 10.51
C ILE B 27 -37.79 -2.60 9.33
N ALA B 28 -38.17 -1.92 8.25
CA ALA B 28 -37.31 -1.88 7.08
C ALA B 28 -35.99 -1.19 7.36
N LEU B 29 -36.02 0.05 7.82
CA LEU B 29 -34.77 0.74 8.09
C LEU B 29 -33.94 0.10 9.19
N GLY B 30 -34.58 -0.42 10.22
CA GLY B 30 -33.81 -1.13 11.23
C GLY B 30 -33.07 -2.35 10.71
N GLY B 31 -33.67 -3.09 9.80
CA GLY B 31 -32.94 -4.20 9.21
C GLY B 31 -31.77 -3.77 8.37
N LEU B 32 -32.00 -2.83 7.47
CA LEU B 32 -30.98 -2.29 6.58
C LEU B 32 -29.77 -1.73 7.34
N LEU B 33 -30.02 -1.06 8.46
CA LEU B 33 -28.96 -0.49 9.28
C LEU B 33 -28.09 -1.53 9.97
N MET B 34 -28.59 -2.74 10.13
CA MET B 34 -27.86 -3.81 10.81
C MET B 34 -26.91 -4.58 9.90
N ILE B 35 -26.86 -4.26 8.61
CA ILE B 35 -25.88 -4.86 7.71
C ILE B 35 -24.48 -4.63 8.24
N PRO B 36 -23.62 -5.64 8.22
CA PRO B 36 -22.27 -5.54 8.76
C PRO B 36 -21.53 -4.31 8.28
N ALA B 37 -20.95 -3.58 9.22
CA ALA B 37 -20.25 -2.37 8.84
C ALA B 37 -19.13 -2.01 9.84
N GLY B 38 -18.63 -2.99 10.59
CA GLY B 38 -17.53 -2.78 11.49
C GLY B 38 -17.78 -3.41 12.84
N ILE B 39 -16.86 -3.16 13.77
CA ILE B 39 -17.00 -3.65 15.14
C ILE B 39 -18.00 -2.86 15.97
N TYR B 40 -18.17 -1.57 15.69
CA TYR B 40 -19.12 -0.76 16.43
C TYR B 40 -20.37 -0.49 15.62
N ALA B 41 -21.51 -0.62 16.30
CA ALA B 41 -22.81 -0.41 15.75
C ALA B 41 -23.52 0.71 16.51
N PRO B 42 -24.43 1.41 15.85
CA PRO B 42 -25.18 2.47 16.52
C PRO B 42 -25.98 1.97 17.70
N ILE B 43 -26.08 2.82 18.72
CA ILE B 43 -26.68 2.43 19.99
C ILE B 43 -28.07 1.84 19.78
N CYS B 44 -28.88 2.51 18.98
CA CYS B 44 -30.24 2.05 18.72
C CYS B 44 -30.31 0.63 18.20
N VAL B 45 -29.32 0.20 17.43
CA VAL B 45 -29.32 -1.18 16.97
C VAL B 45 -28.95 -2.13 18.10
N THR B 46 -27.96 -1.76 18.91
CA THR B 46 -27.63 -2.62 20.04
C THR B 46 -28.74 -2.67 21.07
N VAL B 47 -29.51 -1.59 21.19
CA VAL B 47 -30.72 -1.58 21.99
C VAL B 47 -31.86 -2.36 21.35
N TRP B 48 -31.73 -2.73 20.08
CA TRP B 48 -32.80 -3.34 19.30
C TRP B 48 -34.01 -2.44 19.14
N TYR B 49 -33.84 -1.15 19.29
CA TYR B 49 -34.98 -0.22 19.24
C TYR B 49 -35.88 -0.42 18.04
N PRO B 50 -35.38 -0.52 16.81
CA PRO B 50 -36.32 -0.58 15.69
C PRO B 50 -37.33 -1.71 15.75
N LEU B 51 -36.95 -2.87 16.27
CA LEU B 51 -37.89 -3.98 16.32
C LEU B 51 -39.00 -3.78 17.33
N TRP B 52 -38.66 -3.40 18.56
CA TRP B 52 -39.73 -3.18 19.52
C TRP B 52 -40.55 -1.96 19.15
N GLY B 53 -39.90 -0.91 18.67
CA GLY B 53 -40.65 0.27 18.31
C GLY B 53 -41.69 -0.03 17.25
N GLY B 54 -41.26 -0.65 16.16
CA GLY B 54 -42.21 -1.04 15.13
C GLY B 54 -43.33 -1.92 15.64
N ILE B 55 -42.99 -2.93 16.42
CA ILE B 55 -44.04 -3.82 16.95
C ILE B 55 -45.05 -3.04 17.78
N MET B 56 -44.58 -2.17 18.65
CA MET B 56 -45.52 -1.40 19.44
C MET B 56 -46.33 -0.44 18.58
N TYR B 57 -45.69 0.18 17.59
CA TYR B 57 -46.43 1.05 16.69
C TYR B 57 -47.54 0.32 15.97
N ILE B 58 -47.32 -0.92 15.58
CA ILE B 58 -48.40 -1.65 14.92
C ILE B 58 -49.53 -1.96 15.89
N ILE B 59 -49.22 -2.49 17.06
CA ILE B 59 -50.26 -2.86 18.01
C ILE B 59 -51.09 -1.64 18.36
N SER B 60 -50.44 -0.51 18.49
CA SER B 60 -51.15 0.72 18.71
C SER B 60 -52.04 1.11 17.53
N GLY B 61 -51.99 0.39 16.42
CA GLY B 61 -53.03 0.54 15.40
C GLY B 61 -54.41 0.06 15.80
N SER B 62 -54.56 -0.34 17.05
CA SER B 62 -55.83 -0.87 17.55
C SER B 62 -57.01 -0.01 17.19
N LEU B 63 -56.83 1.28 17.04
CA LEU B 63 -57.97 2.06 16.64
C LEU B 63 -58.52 1.61 15.30
N LEU B 64 -57.79 0.83 14.54
CA LEU B 64 -58.43 0.25 13.39
C LEU B 64 -59.64 -0.58 13.77
N ALA B 65 -59.70 -1.09 15.01
CA ALA B 65 -60.90 -1.81 15.42
C ALA B 65 -62.15 -0.97 15.45
N ALA B 66 -62.04 0.34 15.31
CA ALA B 66 -63.21 1.22 15.27
C ALA B 66 -64.03 1.19 16.54
N THR B 67 -64.99 2.10 16.64
CA THR B 67 -65.74 2.33 17.86
C THR B 67 -66.86 1.30 17.95
N GLU B 68 -66.55 0.11 18.45
CA GLU B 68 -67.66 -0.79 18.78
C GLU B 68 -68.36 -0.38 20.06
N LYS B 69 -69.36 0.50 19.96
CA LYS B 69 -70.14 0.91 21.12
C LYS B 69 -71.15 -0.14 21.56
N ASN B 70 -70.98 -1.40 21.14
CA ASN B 70 -71.87 -2.47 21.56
C ASN B 70 -71.61 -2.83 23.02
N SER B 71 -72.69 -2.86 23.80
CA SER B 71 -72.67 -2.98 25.26
C SER B 71 -71.83 -1.83 25.83
N ARG B 72 -71.13 -2.10 26.94
CA ARG B 72 -70.04 -1.23 27.37
C ARG B 72 -68.88 -1.33 26.38
N LYS B 73 -68.38 -0.16 25.96
CA LYS B 73 -67.61 -0.01 24.72
C LYS B 73 -66.53 -1.06 24.55
N CYS B 74 -66.51 -1.69 23.37
CA CYS B 74 -65.64 -2.81 23.06
C CYS B 74 -64.26 -2.41 22.59
N LEU B 75 -64.00 -1.14 22.31
CA LEU B 75 -62.63 -0.67 22.40
C LEU B 75 -62.35 -0.75 23.89
N VAL B 76 -61.87 -1.91 24.35
CA VAL B 76 -61.78 -2.15 25.78
C VAL B 76 -60.77 -1.19 26.39
N LYS B 77 -61.15 -0.61 27.53
CA LYS B 77 -60.34 0.45 28.13
C LYS B 77 -58.89 0.04 28.34
N GLY B 78 -58.60 -1.24 28.51
CA GLY B 78 -57.22 -1.66 28.50
C GLY B 78 -56.47 -1.21 27.27
N LYS B 79 -57.17 -1.09 26.15
CA LYS B 79 -56.58 -0.49 24.97
C LYS B 79 -56.06 0.91 25.21
N MET B 80 -56.69 1.68 26.10
CA MET B 80 -56.09 2.97 26.41
C MET B 80 -54.75 2.78 27.04
N ILE B 81 -54.59 1.77 27.85
CA ILE B 81 -53.26 1.48 28.33
C ILE B 81 -52.41 1.06 27.14
N MET B 82 -52.97 0.27 26.25
CA MET B 82 -52.24 -0.17 25.07
C MET B 82 -51.77 1.03 24.25
N ASN B 83 -52.65 1.95 24.01
CA ASN B 83 -52.26 3.17 23.34
C ASN B 83 -51.12 3.83 24.12
N SER B 84 -51.30 3.94 25.44
CA SER B 84 -50.35 4.63 26.31
C SER B 84 -48.94 4.06 26.31
N LEU B 85 -48.80 2.75 26.20
CA LEU B 85 -47.44 2.24 26.16
C LEU B 85 -46.71 2.69 24.91
N SER B 86 -47.38 2.73 23.78
CA SER B 86 -46.68 3.06 22.55
C SER B 86 -46.07 4.46 22.55
N LEU B 87 -46.68 5.42 23.24
CA LEU B 87 -46.04 6.73 23.37
C LEU B 87 -44.66 6.65 23.97
N PHE B 88 -44.42 5.69 24.85
CA PHE B 88 -43.10 5.56 25.45
C PHE B 88 -42.03 5.22 24.42
N ALA B 89 -42.39 4.46 23.40
CA ALA B 89 -41.46 4.18 22.31
C ALA B 89 -41.09 5.40 21.46
N ALA B 90 -42.04 6.28 21.17
CA ALA B 90 -41.74 7.46 20.35
C ALA B 90 -40.70 8.40 20.96
N ILE B 91 -40.83 8.71 22.24
CA ILE B 91 -39.84 9.59 22.85
C ILE B 91 -38.48 8.93 22.88
N SER B 92 -38.41 7.74 23.46
CA SER B 92 -37.11 7.12 23.65
C SER B 92 -36.43 6.85 22.32
N GLY B 93 -37.18 6.44 21.31
CA GLY B 93 -36.60 6.26 19.99
C GLY B 93 -36.04 7.55 19.40
N MET B 94 -36.76 8.65 19.56
CA MET B 94 -36.24 9.91 19.05
C MET B 94 -34.95 10.30 19.76
N ILE B 95 -34.94 10.19 21.08
CA ILE B 95 -33.72 10.49 21.84
C ILE B 95 -32.57 9.57 21.44
N LEU B 96 -32.85 8.29 21.22
CA LEU B 96 -31.78 7.39 20.79
C LEU B 96 -31.19 7.80 19.45
N SER B 97 -32.05 8.13 18.48
CA SER B 97 -31.53 8.48 17.17
C SER B 97 -30.71 9.77 17.21
N ILE B 98 -31.19 10.78 17.94
CA ILE B 98 -30.41 12.01 18.07
C ILE B 98 -29.17 11.84 18.93
N MET B 99 -29.06 10.77 19.69
CA MET B 99 -27.79 10.48 20.36
C MET B 99 -26.80 9.81 19.43
N ASP B 100 -27.27 8.82 18.67
CA ASP B 100 -26.39 8.12 17.73
C ASP B 100 -25.84 9.08 16.69
N ILE B 101 -26.68 9.99 16.17
CA ILE B 101 -26.20 10.94 15.18
C ILE B 101 -25.10 11.83 15.73
N LEU B 102 -25.05 12.01 17.03
CA LEU B 102 -23.91 12.71 17.63
C LEU B 102 -22.68 11.83 17.75
N ASN B 103 -22.84 10.56 18.11
CA ASN B 103 -21.67 9.68 18.22
C ASN B 103 -20.92 9.54 16.91
N ILE B 104 -21.60 9.63 15.76
CA ILE B 104 -20.93 9.61 14.47
C ILE B 104 -20.11 10.85 14.14
N LYS B 105 -20.37 12.00 14.75
CA LYS B 105 -19.84 13.21 14.15
C LYS B 105 -19.01 14.11 15.05
N ILE B 106 -18.92 13.82 16.34
CA ILE B 106 -17.96 14.53 17.18
C ILE B 106 -17.03 13.53 17.86
N SER B 107 -17.57 12.67 18.71
CA SER B 107 -16.77 11.61 19.31
C SER B 107 -17.70 10.56 19.90
N HIS B 108 -17.12 9.42 20.27
CA HIS B 108 -17.82 8.43 21.06
C HIS B 108 -18.24 8.90 22.45
N PHE B 109 -19.51 9.28 22.59
CA PHE B 109 -20.11 9.31 23.92
C PHE B 109 -20.26 7.92 24.51
N LEU B 110 -20.53 6.93 23.67
CA LEU B 110 -20.60 5.52 24.07
C LEU B 110 -19.99 4.67 22.98
N LYS B 111 -19.58 3.46 23.36
CA LYS B 111 -19.28 2.45 22.36
C LYS B 111 -19.94 1.14 22.76
N MET B 112 -20.46 0.42 21.75
CA MET B 112 -21.17 -0.85 21.95
C MET B 112 -20.70 -1.92 20.97
N GLU B 113 -20.48 -3.11 21.49
CA GLU B 113 -19.73 -4.21 20.91
C GLU B 113 -20.43 -4.92 19.75
N SER B 114 -21.52 -4.39 19.19
CA SER B 114 -22.30 -5.09 18.17
C SER B 114 -22.74 -6.49 18.61
N LEU B 115 -23.03 -7.37 17.65
CA LEU B 115 -23.40 -8.75 17.91
C LEU B 115 -22.49 -9.69 17.14
N ASN B 116 -22.19 -10.83 17.76
CA ASN B 116 -21.09 -11.68 17.32
C ASN B 116 -21.24 -12.13 15.86
N PHE B 117 -22.44 -12.52 15.45
CA PHE B 117 -22.63 -12.94 14.07
C PHE B 117 -22.56 -11.78 13.08
N ILE B 118 -22.67 -10.55 13.54
CA ILE B 118 -22.38 -9.40 12.68
C ILE B 118 -20.88 -9.23 12.50
N ARG B 119 -20.13 -9.29 13.60
CA ARG B 119 -18.69 -9.14 13.56
C ARG B 119 -18.01 -10.16 12.65
N ALA B 120 -18.58 -11.35 12.53
CA ALA B 120 -18.02 -12.35 11.63
C ALA B 120 -17.84 -11.87 10.20
N HIS B 121 -18.49 -10.77 9.80
CA HIS B 121 -18.36 -10.30 8.43
C HIS B 121 -17.58 -9.00 8.25
N THR B 122 -17.28 -8.26 9.31
CA THR B 122 -16.51 -7.02 9.18
C THR B 122 -15.59 -6.85 10.38
N PRO B 123 -14.72 -7.81 10.69
CA PRO B 123 -13.99 -7.74 11.96
C PRO B 123 -12.88 -6.70 11.99
N TYR B 124 -12.34 -6.27 10.86
CA TYR B 124 -11.23 -5.34 10.83
C TYR B 124 -11.64 -3.89 10.58
N ILE B 125 -12.91 -3.54 10.78
CA ILE B 125 -13.40 -2.25 10.31
C ILE B 125 -14.06 -1.46 11.43
N ASN B 126 -13.91 -0.15 11.34
CA ASN B 126 -14.66 0.82 12.11
C ASN B 126 -15.11 1.92 11.17
N ILE B 127 -16.13 2.65 11.58
CA ILE B 127 -16.62 3.82 10.84
C ILE B 127 -16.63 5.09 11.67
N TYR B 128 -16.37 4.99 12.96
CA TYR B 128 -16.39 6.12 13.87
C TYR B 128 -15.08 6.89 13.87
N ASN B 129 -13.97 6.26 13.48
CA ASN B 129 -12.79 7.01 13.10
C ASN B 129 -12.29 6.47 11.77
N CYS B 130 -11.74 7.37 10.98
CA CYS B 130 -11.78 7.23 9.53
C CYS B 130 -10.60 7.87 8.82
N GLU B 131 -9.69 8.46 9.52
CA GLU B 131 -8.56 9.19 8.97
C GLU B 131 -7.30 8.34 9.07
N PRO B 132 -6.50 8.28 8.02
CA PRO B 132 -5.38 7.34 8.01
C PRO B 132 -4.25 7.85 8.89
N ALA B 133 -3.48 6.89 9.40
CA ALA B 133 -2.25 7.24 10.09
C ALA B 133 -1.15 7.65 9.14
N ASN B 134 -1.21 7.27 7.89
CA ASN B 134 -0.17 7.57 6.91
C ASN B 134 -0.56 8.65 5.93
N PRO B 135 0.00 9.85 6.03
CA PRO B 135 -0.49 10.96 5.22
C PRO B 135 -0.38 10.75 3.72
N SER B 136 0.50 9.89 3.25
CA SER B 136 0.48 9.55 1.83
C SER B 136 -0.88 9.04 1.35
N GLU B 137 -1.69 8.52 2.24
CA GLU B 137 -2.96 7.87 1.92
C GLU B 137 -4.14 8.81 1.80
N LYS B 138 -4.00 10.08 2.13
CA LYS B 138 -5.17 10.94 2.26
C LYS B 138 -5.93 11.11 0.96
N ASN B 139 -5.42 10.66 -0.17
CA ASN B 139 -6.21 10.61 -1.39
C ASN B 139 -6.50 9.20 -1.89
N SER B 140 -6.07 8.19 -1.17
CA SER B 140 -6.29 6.83 -1.64
C SER B 140 -7.77 6.52 -1.66
N PRO B 141 -8.25 5.82 -2.68
CA PRO B 141 -9.65 5.39 -2.72
C PRO B 141 -10.12 4.70 -1.45
N SER B 142 -9.23 3.97 -0.80
CA SER B 142 -9.56 3.36 0.48
C SER B 142 -10.15 4.34 1.46
N THR B 143 -9.73 5.60 1.43
CA THR B 143 -10.32 6.54 2.36
C THR B 143 -11.67 7.04 1.87
N GLN B 144 -11.83 7.19 0.57
CA GLN B 144 -13.10 7.70 0.08
C GLN B 144 -14.23 6.73 0.36
N TYR B 145 -13.94 5.43 0.37
CA TYR B 145 -14.96 4.50 0.82
C TYR B 145 -15.46 4.81 2.22
N CYS B 146 -14.55 5.07 3.16
CA CYS B 146 -14.98 5.22 4.54
C CYS B 146 -15.87 6.44 4.73
N TYR B 147 -15.52 7.58 4.15
CA TYR B 147 -16.44 8.72 4.20
C TYR B 147 -17.77 8.43 3.55
N SER B 148 -17.79 7.67 2.46
CA SER B 148 -19.09 7.37 1.88
C SER B 148 -19.94 6.54 2.83
N ILE B 149 -19.34 5.58 3.52
CA ILE B 149 -20.13 4.78 4.43
C ILE B 149 -20.64 5.61 5.61
N GLN B 150 -19.80 6.50 6.16
CA GLN B 150 -20.32 7.42 7.16
C GLN B 150 -21.51 8.22 6.66
N SER B 151 -21.46 8.69 5.43
CA SER B 151 -22.57 9.48 4.93
C SER B 151 -23.84 8.64 4.79
N LEU B 152 -23.70 7.38 4.41
CA LEU B 152 -24.89 6.53 4.40
C LEU B 152 -25.46 6.30 5.79
N PHE B 153 -24.61 6.09 6.79
CA PHE B 153 -25.16 5.92 8.14
C PHE B 153 -25.84 7.19 8.66
N LEU B 154 -25.23 8.35 8.47
CA LEU B 154 -25.93 9.59 8.82
C LEU B 154 -27.27 9.71 8.11
N GLY B 155 -27.33 9.34 6.83
CA GLY B 155 -28.61 9.38 6.14
C GLY B 155 -29.66 8.48 6.77
N ILE B 156 -29.34 7.21 6.96
CA ILE B 156 -30.32 6.28 7.51
C ILE B 156 -30.79 6.75 8.87
N LEU B 157 -29.87 7.20 9.72
CA LEU B 157 -30.27 7.64 11.05
C LEU B 157 -31.13 8.90 11.01
N SER B 158 -30.85 9.82 10.10
CA SER B 158 -31.67 11.02 10.03
C SER B 158 -33.08 10.73 9.52
N VAL B 159 -33.22 9.82 8.56
CA VAL B 159 -34.56 9.41 8.14
C VAL B 159 -35.29 8.70 9.27
N MET B 160 -34.60 7.83 10.01
CA MET B 160 -35.26 7.25 11.17
C MET B 160 -35.72 8.31 12.15
N LEU B 161 -34.87 9.31 12.40
CA LEU B 161 -35.25 10.35 13.34
C LEU B 161 -36.51 11.07 12.92
N ILE B 162 -36.61 11.46 11.65
CA ILE B 162 -37.79 12.20 11.24
C ILE B 162 -39.05 11.35 11.23
N PHE B 163 -38.98 10.11 10.73
CA PHE B 163 -40.18 9.30 10.79
C PHE B 163 -40.57 8.88 12.20
N ALA B 164 -39.61 8.73 13.10
CA ALA B 164 -39.97 8.49 14.50
C ALA B 164 -40.65 9.69 15.12
N PHE B 165 -40.08 10.87 14.92
CA PHE B 165 -40.71 12.11 15.35
C PHE B 165 -42.15 12.22 14.85
N PHE B 166 -42.41 11.72 13.65
CA PHE B 166 -43.76 11.77 13.10
C PHE B 166 -44.79 10.94 13.89
N GLN B 167 -44.37 10.01 14.73
CA GLN B 167 -45.31 9.43 15.69
C GLN B 167 -45.69 10.40 16.79
N GLU B 168 -44.71 10.97 17.46
CA GLU B 168 -44.97 11.80 18.62
C GLU B 168 -45.91 12.95 18.30
N LEU B 169 -45.86 13.47 17.08
CA LEU B 169 -46.84 14.49 16.69
C LEU B 169 -48.28 14.00 16.80
N VAL B 170 -48.53 12.70 16.70
CA VAL B 170 -49.91 12.24 16.61
C VAL B 170 -50.24 11.12 17.57
N ILE B 171 -49.28 10.37 18.09
CA ILE B 171 -49.66 9.20 18.86
C ILE B 171 -50.07 9.64 20.26
N ALA B 172 -51.03 10.56 20.34
CA ALA B 172 -51.52 10.96 21.64
C ALA B 172 -52.98 11.36 21.60
N GLY B 173 -53.67 11.09 22.69
CA GLY B 173 -55.08 11.43 22.85
C GLY B 173 -55.30 12.84 23.37
N GLN C 1 20.33 -4.48 -9.78
CA GLN C 1 20.62 -5.79 -9.25
C GLN C 1 19.49 -6.79 -9.25
N VAL C 2 18.29 -6.35 -8.89
CA VAL C 2 17.15 -7.23 -9.04
C VAL C 2 17.05 -7.62 -10.49
N GLN C 3 16.84 -8.90 -10.75
CA GLN C 3 16.68 -9.35 -12.13
C GLN C 3 15.63 -10.42 -12.27
N LEU C 4 14.94 -10.40 -13.39
CA LEU C 4 14.00 -11.44 -13.77
C LEU C 4 14.48 -12.04 -15.08
N GLN C 5 14.72 -13.34 -15.08
CA GLN C 5 15.29 -14.02 -16.25
C GLN C 5 14.27 -14.91 -16.95
N GLN C 6 14.09 -14.70 -18.26
CA GLN C 6 13.19 -15.51 -19.06
C GLN C 6 13.89 -16.16 -20.23
N PRO C 7 13.44 -17.33 -20.65
CA PRO C 7 13.91 -17.92 -21.90
C PRO C 7 13.47 -17.14 -23.12
N GLY C 8 14.32 -17.20 -24.15
CA GLY C 8 14.19 -16.33 -25.31
C GLY C 8 13.00 -16.56 -26.22
N ALA C 9 12.75 -17.81 -26.62
CA ALA C 9 11.65 -18.05 -27.56
C ALA C 9 11.08 -19.45 -27.44
N GLU C 10 9.86 -19.61 -27.95
CA GLU C 10 9.19 -20.90 -28.02
C GLU C 10 8.56 -21.12 -29.38
N LEU C 11 8.71 -22.35 -29.88
CA LEU C 11 8.03 -22.83 -31.06
C LEU C 11 6.99 -23.88 -30.66
N VAL C 12 5.75 -23.71 -31.12
CA VAL C 12 4.65 -24.58 -30.69
C VAL C 12 3.82 -25.03 -31.87
N LYS C 13 3.45 -26.29 -31.88
CA LYS C 13 2.50 -26.72 -32.88
C LYS C 13 1.12 -26.14 -32.55
N PRO C 14 0.32 -25.79 -33.55
CA PRO C 14 -1.05 -25.33 -33.29
C PRO C 14 -1.89 -26.29 -32.45
N GLY C 15 -2.71 -25.74 -31.56
CA GLY C 15 -3.58 -26.54 -30.73
C GLY C 15 -2.94 -27.24 -29.55
N ALA C 16 -1.63 -27.33 -29.50
CA ALA C 16 -0.93 -27.88 -28.35
C ALA C 16 -0.90 -26.82 -27.24
N SER C 17 -0.05 -27.04 -26.24
CA SER C 17 0.06 -26.10 -25.14
C SER C 17 1.53 -25.83 -24.88
N VAL C 18 1.79 -24.71 -24.21
CA VAL C 18 3.14 -24.28 -23.91
C VAL C 18 3.20 -23.68 -22.51
N LYS C 19 4.29 -23.95 -21.81
CA LYS C 19 4.56 -23.41 -20.49
C LYS C 19 5.87 -22.64 -20.48
N MET C 20 5.82 -21.39 -20.02
CA MET C 20 6.98 -20.51 -20.01
C MET C 20 7.24 -19.96 -18.62
N SER C 21 8.51 -19.72 -18.30
CA SER C 21 8.98 -19.47 -16.93
C SER C 21 9.65 -18.13 -16.75
N CYS C 22 9.62 -17.63 -15.52
CA CYS C 22 10.24 -16.37 -15.11
C CYS C 22 10.89 -16.57 -13.75
N LYS C 23 12.21 -16.64 -13.71
CA LYS C 23 12.95 -16.89 -12.47
C LYS C 23 13.44 -15.59 -11.85
N ALA C 24 13.21 -15.43 -10.55
CA ALA C 24 13.60 -14.23 -9.83
C ALA C 24 14.97 -14.38 -9.17
N SER C 25 15.63 -13.25 -8.95
CA SER C 25 16.87 -13.23 -8.20
C SER C 25 17.06 -11.92 -7.47
N GLY C 26 17.79 -11.95 -6.36
CA GLY C 26 18.19 -10.74 -5.70
C GLY C 26 17.23 -10.13 -4.70
N TYR C 27 16.11 -10.77 -4.41
CA TYR C 27 15.16 -10.21 -3.45
C TYR C 27 14.35 -11.34 -2.85
N THR C 28 13.62 -11.01 -1.79
CA THR C 28 12.74 -11.98 -1.12
C THR C 28 11.56 -12.32 -2.00
N PHE C 29 11.68 -13.42 -2.72
CA PHE C 29 10.69 -13.80 -3.72
C PHE C 29 9.27 -13.83 -3.18
N THR C 30 9.08 -14.37 -2.00
CA THR C 30 7.73 -14.51 -1.45
C THR C 30 7.11 -13.31 -1.01
N SER C 31 7.60 -12.08 -1.21
CA SER C 31 7.00 -10.91 -0.58
C SER C 31 6.41 -9.89 -1.54
N TYR C 32 6.37 -10.16 -2.84
CA TYR C 32 5.86 -9.22 -3.82
C TYR C 32 4.96 -9.93 -4.81
N ASN C 33 4.09 -9.17 -5.46
CA ASN C 33 3.23 -9.72 -6.51
C ASN C 33 3.93 -9.78 -7.85
N MET C 34 3.70 -10.85 -8.58
CA MET C 34 4.26 -11.05 -9.90
C MET C 34 3.16 -10.90 -10.94
N HIS C 35 3.41 -10.12 -11.99
CA HIS C 35 2.41 -9.79 -13.00
C HIS C 35 2.88 -10.22 -14.38
N TRP C 36 1.95 -10.63 -15.24
CA TRP C 36 2.21 -11.01 -16.63
C TRP C 36 1.56 -10.06 -17.62
N VAL C 37 2.29 -9.66 -18.67
CA VAL C 37 1.79 -8.69 -19.64
C VAL C 37 2.01 -9.21 -21.07
N LYS C 38 1.02 -9.02 -21.94
CA LYS C 38 1.07 -9.39 -23.37
C LYS C 38 1.22 -8.18 -24.29
N GLN C 39 2.12 -8.26 -25.26
CA GLN C 39 2.28 -7.24 -26.30
C GLN C 39 2.14 -7.80 -27.69
N THR C 40 1.37 -7.11 -28.53
CA THR C 40 1.20 -7.47 -29.93
C THR C 40 1.26 -6.18 -30.72
N PRO C 41 1.59 -6.25 -32.01
CA PRO C 41 1.55 -5.04 -32.81
C PRO C 41 0.15 -4.54 -33.08
N GLY C 42 -0.87 -5.39 -32.95
CA GLY C 42 -2.24 -4.94 -33.14
C GLY C 42 -2.91 -4.29 -31.95
N ARG C 43 -2.92 -4.95 -30.80
CA ARG C 43 -3.63 -4.44 -29.63
C ARG C 43 -2.73 -3.68 -28.67
N GLY C 44 -1.42 -3.66 -28.88
CA GLY C 44 -0.51 -3.05 -27.93
C GLY C 44 -0.33 -3.86 -26.65
N LEU C 45 -0.37 -3.20 -25.49
CA LEU C 45 -0.14 -3.87 -24.22
C LEU C 45 -1.43 -4.22 -23.49
N GLU C 46 -1.52 -5.48 -23.05
CA GLU C 46 -2.66 -6.00 -22.31
C GLU C 46 -2.17 -6.77 -21.10
N TRP C 47 -2.90 -6.66 -20.00
CA TRP C 47 -2.54 -7.29 -18.73
C TRP C 47 -3.25 -8.62 -18.56
N ILE C 48 -2.49 -9.69 -18.33
CA ILE C 48 -3.08 -11.03 -18.24
C ILE C 48 -3.53 -11.36 -16.84
N GLY C 49 -2.71 -11.11 -15.83
CA GLY C 49 -3.04 -11.53 -14.49
C GLY C 49 -1.85 -11.52 -13.58
N ALA C 50 -2.07 -11.97 -12.36
CA ALA C 50 -1.06 -11.87 -11.32
C ALA C 50 -1.14 -13.02 -10.35
N ILE C 51 -0.05 -13.27 -9.65
CA ILE C 51 0.04 -14.27 -8.60
C ILE C 51 0.77 -13.67 -7.42
N TYR C 52 0.36 -14.01 -6.21
CA TYR C 52 1.10 -13.63 -5.01
C TYR C 52 1.71 -14.88 -4.44
N PRO C 53 3.01 -15.13 -4.67
CA PRO C 53 3.60 -16.39 -4.23
C PRO C 53 3.63 -16.59 -2.75
N GLY C 54 3.39 -15.56 -1.97
CA GLY C 54 3.33 -15.73 -0.53
C GLY C 54 2.27 -16.71 -0.06
N ASN C 55 1.16 -16.81 -0.79
CA ASN C 55 0.18 -17.81 -0.43
C ASN C 55 -0.55 -18.46 -1.60
N GLY C 56 -0.36 -18.01 -2.83
CA GLY C 56 -0.98 -18.61 -3.98
C GLY C 56 -2.32 -18.04 -4.39
N ASP C 57 -2.73 -16.91 -3.85
CA ASP C 57 -3.88 -16.20 -4.37
C ASP C 57 -3.56 -15.64 -5.75
N THR C 58 -4.54 -15.67 -6.63
CA THR C 58 -4.35 -15.26 -8.01
C THR C 58 -5.48 -14.35 -8.43
N SER C 59 -5.24 -13.57 -9.47
CA SER C 59 -6.31 -12.79 -10.08
C SER C 59 -6.13 -12.79 -11.59
N TYR C 60 -7.25 -12.84 -12.31
CA TYR C 60 -7.21 -12.92 -13.76
C TYR C 60 -8.07 -11.82 -14.39
N ASN C 61 -7.61 -11.34 -15.54
CA ASN C 61 -8.51 -10.63 -16.44
C ASN C 61 -9.48 -11.59 -17.08
N GLN C 62 -10.77 -11.24 -17.07
CA GLN C 62 -11.79 -12.17 -17.54
C GLN C 62 -11.57 -12.58 -18.99
N LYS C 63 -11.08 -11.66 -19.81
CA LYS C 63 -10.81 -11.96 -21.21
C LYS C 63 -9.79 -13.06 -21.42
N PHE C 64 -8.98 -13.37 -20.42
CA PHE C 64 -8.00 -14.42 -20.51
C PHE C 64 -8.28 -15.53 -19.53
N LYS C 65 -9.29 -15.38 -18.69
CA LYS C 65 -9.54 -16.32 -17.61
C LYS C 65 -9.72 -17.75 -18.12
N GLY C 66 -10.18 -17.93 -19.35
CA GLY C 66 -10.21 -19.26 -19.92
C GLY C 66 -8.91 -19.76 -20.49
N LYS C 67 -7.97 -18.88 -20.83
CA LYS C 67 -6.72 -19.32 -21.41
C LYS C 67 -5.65 -19.71 -20.40
N ALA C 68 -5.30 -18.81 -19.50
CA ALA C 68 -4.11 -18.89 -18.66
C ALA C 68 -4.30 -19.70 -17.36
N THR C 69 -3.18 -20.05 -16.75
CA THR C 69 -3.15 -20.65 -15.42
C THR C 69 -1.81 -20.35 -14.78
N LEU C 70 -1.82 -19.65 -13.66
CA LEU C 70 -0.63 -19.14 -13.00
C LEU C 70 -0.30 -19.95 -11.75
N THR C 71 0.96 -20.31 -11.58
CA THR C 71 1.36 -21.09 -10.41
C THR C 71 2.77 -20.71 -10.03
N ALA C 72 3.13 -20.91 -8.77
CA ALA C 72 4.47 -20.58 -8.30
C ALA C 72 5.06 -21.63 -7.37
N ASP C 73 6.35 -21.88 -7.57
CA ASP C 73 7.18 -22.70 -6.69
C ASP C 73 7.75 -21.85 -5.56
N LYS C 74 7.15 -21.95 -4.38
CA LYS C 74 7.59 -21.19 -3.23
C LYS C 74 9.02 -21.48 -2.80
N SER C 75 9.55 -22.65 -3.15
CA SER C 75 10.91 -23.01 -2.77
C SER C 75 11.98 -22.65 -3.80
N SER C 76 11.70 -22.84 -5.08
CA SER C 76 12.71 -22.64 -6.11
C SER C 76 12.77 -21.23 -6.67
N SER C 77 11.87 -20.33 -6.27
CA SER C 77 11.87 -18.96 -6.77
C SER C 77 11.65 -18.89 -8.27
N THR C 78 10.65 -19.63 -8.74
CA THR C 78 10.32 -19.66 -10.16
C THR C 78 8.82 -19.52 -10.31
N ALA C 79 8.38 -18.63 -11.17
CA ALA C 79 6.98 -18.55 -11.55
C ALA C 79 6.73 -19.27 -12.86
N TYR C 80 5.51 -19.73 -13.05
CA TYR C 80 5.14 -20.35 -14.31
C TYR C 80 3.82 -19.78 -14.78
N MET C 81 3.68 -19.65 -16.09
CA MET C 81 2.39 -19.48 -16.72
C MET C 81 2.19 -20.58 -17.74
N GLN C 82 1.03 -21.20 -17.73
CA GLN C 82 0.67 -22.19 -18.74
C GLN C 82 -0.44 -21.62 -19.61
N LEU C 83 -0.29 -21.79 -20.91
CA LEU C 83 -1.31 -21.45 -21.89
C LEU C 83 -1.79 -22.71 -22.60
N SER C 84 -3.10 -22.76 -22.88
CA SER C 84 -3.69 -23.93 -23.49
C SER C 84 -4.51 -23.57 -24.72
N SER C 85 -4.63 -24.54 -25.62
CA SER C 85 -5.37 -24.43 -26.88
C SER C 85 -4.94 -23.26 -27.78
N LEU C 86 -3.65 -23.24 -28.14
CA LEU C 86 -3.07 -22.11 -28.84
C LEU C 86 -3.55 -22.02 -30.29
N THR C 87 -3.74 -20.79 -30.75
CA THR C 87 -4.14 -20.48 -32.12
C THR C 87 -3.24 -19.37 -32.64
N SER C 88 -3.40 -19.03 -33.91
CA SER C 88 -2.66 -17.92 -34.52
C SER C 88 -2.79 -16.59 -33.78
N GLU C 89 -3.85 -16.41 -33.00
CA GLU C 89 -4.04 -15.20 -32.21
C GLU C 89 -3.03 -15.00 -31.08
N ASP C 90 -2.37 -16.04 -30.62
CA ASP C 90 -1.46 -16.00 -29.50
C ASP C 90 -0.02 -15.66 -29.82
N SER C 91 0.34 -15.35 -31.05
CA SER C 91 1.72 -14.98 -31.31
C SER C 91 2.03 -13.55 -30.88
N ALA C 92 2.78 -13.43 -29.79
CA ALA C 92 3.04 -12.18 -29.11
C ALA C 92 4.29 -12.37 -28.25
N VAL C 93 4.80 -11.25 -27.74
CA VAL C 93 5.79 -11.23 -26.67
C VAL C 93 5.12 -11.21 -25.30
N TYR C 94 5.59 -12.06 -24.38
CA TYR C 94 5.07 -12.12 -23.01
C TYR C 94 6.13 -11.71 -22.00
N TYR C 95 5.80 -10.75 -21.13
CA TYR C 95 6.70 -10.27 -20.08
C TYR C 95 6.17 -10.64 -18.70
N CYS C 96 7.06 -11.00 -17.79
CA CYS C 96 6.79 -10.92 -16.36
C CYS C 96 7.31 -9.60 -15.79
N ALA C 97 6.62 -9.08 -14.78
CA ALA C 97 7.03 -7.84 -14.14
C ALA C 97 6.70 -7.85 -12.65
N ARG C 98 7.48 -7.10 -11.88
CA ARG C 98 7.38 -7.04 -10.43
C ARG C 98 6.73 -5.74 -10.01
N SER C 99 5.68 -5.80 -9.20
CA SER C 99 4.97 -4.61 -8.75
C SER C 99 5.24 -4.29 -7.28
N THR C 100 5.55 -3.02 -7.00
CA THR C 100 5.84 -2.53 -5.67
C THR C 100 4.97 -1.33 -5.38
N TYR C 101 4.70 -1.07 -4.10
CA TYR C 101 3.94 0.09 -3.67
C TYR C 101 4.87 1.20 -3.25
N TYR C 102 4.81 2.34 -3.91
CA TYR C 102 5.89 3.30 -3.81
C TYR C 102 5.42 4.69 -4.15
N GLY C 103 5.71 5.65 -3.28
CA GLY C 103 5.36 7.02 -3.56
C GLY C 103 3.88 7.31 -3.60
N GLY C 104 3.08 6.49 -2.95
CA GLY C 104 1.65 6.70 -2.87
C GLY C 104 0.81 5.95 -3.89
N ASP C 105 1.42 5.10 -4.72
CA ASP C 105 0.64 4.29 -5.65
C ASP C 105 1.50 3.08 -6.00
N TRP C 106 0.89 2.07 -6.59
CA TRP C 106 1.63 0.96 -7.17
C TRP C 106 2.46 1.41 -8.38
N TYR C 107 3.61 0.76 -8.64
CA TYR C 107 4.12 0.83 -10.01
C TYR C 107 4.98 -0.38 -10.34
N PHE C 108 5.12 -0.67 -11.65
CA PHE C 108 5.93 -1.77 -12.17
C PHE C 108 7.40 -1.39 -12.25
N ASN C 109 8.18 -1.72 -11.26
CA ASN C 109 9.52 -1.16 -11.21
C ASN C 109 10.57 -2.01 -11.90
N VAL C 110 10.35 -3.31 -12.09
CA VAL C 110 11.30 -4.18 -12.79
C VAL C 110 10.59 -5.09 -13.77
N TRP C 111 11.20 -5.29 -14.95
CA TRP C 111 10.61 -6.06 -16.04
C TRP C 111 11.57 -7.13 -16.54
N GLY C 112 11.03 -8.29 -16.89
CA GLY C 112 11.79 -9.32 -17.56
C GLY C 112 12.10 -8.99 -19.00
N ALA C 113 13.06 -9.73 -19.57
CA ALA C 113 13.50 -9.51 -20.95
C ALA C 113 12.50 -9.94 -22.02
N GLY C 114 11.44 -10.66 -21.68
CA GLY C 114 10.42 -11.11 -22.62
C GLY C 114 10.66 -12.39 -23.39
N THR C 115 9.63 -13.21 -23.53
CA THR C 115 9.61 -14.44 -24.33
C THR C 115 8.74 -14.30 -25.57
N THR C 116 9.28 -14.63 -26.74
CA THR C 116 8.51 -14.58 -27.97
C THR C 116 7.89 -15.92 -28.31
N VAL C 117 6.58 -15.95 -28.52
CA VAL C 117 5.87 -17.17 -28.90
C VAL C 117 5.48 -17.07 -30.36
N THR C 118 5.80 -18.09 -31.14
CA THR C 118 5.32 -18.21 -32.51
C THR C 118 4.39 -19.40 -32.65
N VAL C 119 3.21 -19.16 -33.19
CA VAL C 119 2.28 -20.25 -33.48
C VAL C 119 2.32 -20.57 -34.96
N SER C 120 2.75 -21.76 -35.31
CA SER C 120 2.94 -22.13 -36.70
C SER C 120 3.00 -23.63 -36.80
N ALA C 121 2.38 -24.21 -37.83
CA ALA C 121 2.56 -25.62 -38.09
C ALA C 121 3.81 -25.95 -38.90
N ALA C 122 4.46 -24.96 -39.50
CA ALA C 122 5.46 -25.23 -40.53
C ALA C 122 6.76 -25.84 -39.98
N SER C 123 7.34 -26.73 -40.76
CA SER C 123 8.64 -27.36 -40.53
C SER C 123 9.79 -26.39 -40.80
N THR C 124 10.98 -26.73 -40.31
CA THR C 124 12.17 -25.98 -40.72
C THR C 124 12.38 -26.07 -42.22
N LYS C 125 12.69 -24.93 -42.84
CA LYS C 125 12.93 -24.80 -44.27
C LYS C 125 14.17 -23.96 -44.55
N GLY C 126 15.10 -24.48 -45.34
CA GLY C 126 16.25 -23.70 -45.75
C GLY C 126 15.96 -22.79 -46.93
N PRO C 127 16.45 -21.55 -46.90
CA PRO C 127 16.11 -20.58 -47.94
C PRO C 127 16.77 -20.86 -49.29
N SER C 128 16.16 -20.28 -50.32
CA SER C 128 16.79 -20.11 -51.63
C SER C 128 17.19 -18.65 -51.83
N VAL C 129 18.42 -18.41 -52.27
CA VAL C 129 18.96 -17.06 -52.41
C VAL C 129 19.07 -16.68 -53.88
N PHE C 130 18.38 -15.61 -54.29
CA PHE C 130 18.43 -15.20 -55.68
C PHE C 130 19.06 -13.83 -55.78
N PRO C 131 19.94 -13.62 -56.75
CA PRO C 131 20.55 -12.30 -56.94
C PRO C 131 19.60 -11.30 -57.59
N LEU C 132 19.70 -10.05 -57.16
CA LEU C 132 19.13 -8.90 -57.88
C LEU C 132 20.32 -8.25 -58.56
N ALA C 133 20.62 -8.73 -59.77
CA ALA C 133 21.86 -8.33 -60.41
C ALA C 133 21.86 -6.86 -60.79
N PRO C 134 22.98 -6.17 -60.59
CA PRO C 134 23.12 -4.79 -61.06
C PRO C 134 23.19 -4.72 -62.57
N SER C 135 22.65 -3.63 -63.11
CA SER C 135 22.59 -3.46 -64.55
C SER C 135 22.42 -1.98 -64.87
N SER C 136 22.41 -1.66 -66.16
CA SER C 136 22.06 -0.31 -66.56
C SER C 136 20.66 0.03 -66.11
N LYS C 137 19.78 -0.97 -66.12
CA LYS C 137 18.47 -0.87 -65.50
C LYS C 137 18.54 -0.70 -63.98
N SER C 138 19.73 -0.75 -63.38
CA SER C 138 19.91 -0.42 -61.98
C SER C 138 21.07 0.56 -61.76
N THR C 139 21.32 1.46 -62.70
CA THR C 139 22.40 2.44 -62.59
C THR C 139 21.82 3.84 -62.40
N SER C 140 22.41 4.61 -61.49
CA SER C 140 21.95 5.97 -61.24
C SER C 140 23.08 6.84 -60.67
N GLY C 141 23.39 7.92 -61.38
CA GLY C 141 24.18 9.03 -60.85
C GLY C 141 25.56 8.63 -60.38
N GLY C 142 26.17 7.65 -61.02
CA GLY C 142 27.44 7.10 -60.61
C GLY C 142 27.33 6.03 -59.55
N THR C 143 26.12 5.62 -59.20
CA THR C 143 25.89 4.56 -58.24
C THR C 143 25.02 3.48 -58.86
N ALA C 144 25.18 2.25 -58.37
CA ALA C 144 24.33 1.14 -58.77
C ALA C 144 23.75 0.47 -57.54
N ALA C 145 22.52 0.00 -57.64
CA ALA C 145 21.95 -0.78 -56.55
C ALA C 145 22.06 -2.26 -56.91
N LEU C 146 22.46 -3.05 -55.92
CA LEU C 146 22.55 -4.50 -56.04
C LEU C 146 22.16 -5.10 -54.71
N GLY C 147 21.89 -6.40 -54.71
CA GLY C 147 21.46 -6.99 -53.47
C GLY C 147 21.37 -8.49 -53.54
N CYS C 148 20.80 -9.06 -52.48
CA CYS C 148 20.51 -10.48 -52.43
C CYS C 148 19.08 -10.63 -51.91
N LEU C 149 18.32 -11.52 -52.52
CA LEU C 149 17.01 -11.92 -52.02
C LEU C 149 17.10 -13.25 -51.30
N VAL C 150 16.82 -13.25 -50.01
CA VAL C 150 16.76 -14.47 -49.21
C VAL C 150 15.31 -14.92 -49.11
N LYS C 151 14.91 -15.86 -49.97
CA LYS C 151 13.52 -16.22 -50.20
C LYS C 151 13.17 -17.49 -49.42
N ASP C 152 11.99 -17.49 -48.78
CA ASP C 152 11.37 -18.71 -48.26
C ASP C 152 12.22 -19.51 -47.28
N TYR C 153 12.28 -19.08 -46.02
CA TYR C 153 12.95 -19.81 -44.95
C TYR C 153 12.07 -19.86 -43.72
N PHE C 154 12.38 -20.79 -42.82
CA PHE C 154 11.72 -20.88 -41.52
C PHE C 154 12.59 -21.59 -40.49
N PRO C 155 12.56 -21.17 -39.23
CA PRO C 155 11.92 -19.98 -38.70
C PRO C 155 12.84 -18.77 -38.81
N GLU C 156 12.48 -17.62 -38.25
CA GLU C 156 13.45 -16.54 -38.11
C GLU C 156 14.51 -16.89 -37.08
N PRO C 157 15.68 -16.26 -37.16
CA PRO C 157 16.19 -15.20 -38.03
C PRO C 157 17.11 -15.69 -39.13
N VAL C 158 17.35 -14.83 -40.12
CA VAL C 158 18.47 -14.92 -41.05
C VAL C 158 19.45 -13.80 -40.74
N THR C 159 20.75 -14.10 -40.81
CA THR C 159 21.78 -13.08 -40.77
C THR C 159 22.41 -12.91 -42.14
N VAL C 160 22.59 -11.66 -42.55
CA VAL C 160 23.26 -11.30 -43.80
C VAL C 160 24.45 -10.42 -43.52
N SER C 161 25.58 -10.73 -44.15
CA SER C 161 26.75 -9.87 -44.20
C SER C 161 27.23 -9.78 -45.65
N TRP C 162 28.17 -8.89 -45.90
CA TRP C 162 28.73 -8.75 -47.25
C TRP C 162 30.25 -8.86 -47.25
N ASN C 163 30.78 -9.66 -48.15
CA ASN C 163 32.22 -9.92 -48.26
C ASN C 163 32.84 -10.24 -46.91
N SER C 164 32.20 -11.14 -46.17
CA SER C 164 32.61 -11.50 -44.82
C SER C 164 32.64 -10.28 -43.90
N GLY C 165 31.78 -9.30 -44.16
CA GLY C 165 31.78 -8.08 -43.38
C GLY C 165 32.72 -6.99 -43.82
N ALA C 166 33.48 -7.18 -44.91
CA ALA C 166 34.33 -6.10 -45.37
C ALA C 166 33.55 -4.96 -46.03
N LEU C 167 32.32 -5.20 -46.46
CA LEU C 167 31.47 -4.15 -47.01
C LEU C 167 30.34 -3.91 -46.03
N THR C 168 30.21 -2.69 -45.51
CA THR C 168 29.09 -2.35 -44.64
C THR C 168 28.44 -1.02 -45.01
N SER C 169 29.20 -0.14 -45.63
CA SER C 169 28.71 1.17 -46.04
C SER C 169 27.53 1.05 -47.01
N GLY C 170 26.43 1.72 -46.68
CA GLY C 170 25.24 1.70 -47.49
C GLY C 170 24.41 0.43 -47.53
N VAL C 171 24.67 -0.55 -46.68
CA VAL C 171 23.86 -1.76 -46.68
C VAL C 171 22.57 -1.46 -45.93
N HIS C 172 21.43 -1.78 -46.55
CA HIS C 172 20.13 -1.79 -45.89
C HIS C 172 19.52 -3.17 -46.00
N THR C 173 19.36 -3.83 -44.85
CA THR C 173 18.60 -5.07 -44.72
C THR C 173 17.21 -4.83 -44.15
N PHE C 174 16.20 -5.15 -44.91
CA PHE C 174 14.81 -4.90 -44.56
C PHE C 174 14.32 -5.98 -43.59
N PRO C 175 13.41 -5.62 -42.68
CA PRO C 175 12.69 -6.64 -41.90
C PRO C 175 12.02 -7.72 -42.73
N ALA C 176 12.13 -8.96 -42.25
CA ALA C 176 11.49 -10.09 -42.91
C ALA C 176 9.97 -9.94 -42.94
N VAL C 177 9.37 -10.38 -44.05
CA VAL C 177 7.92 -10.46 -44.21
C VAL C 177 7.45 -11.91 -44.11
N LEU C 178 6.40 -12.15 -43.33
CA LEU C 178 5.77 -13.47 -43.31
C LEU C 178 4.86 -13.57 -44.51
N GLN C 179 5.00 -14.64 -45.27
CA GLN C 179 4.24 -14.83 -46.50
C GLN C 179 3.00 -15.67 -46.27
N SER C 180 2.10 -15.64 -47.27
CA SER C 180 0.87 -16.43 -47.21
C SER C 180 1.12 -17.93 -47.28
N SER C 181 2.28 -18.36 -47.77
CA SER C 181 2.68 -19.75 -47.66
C SER C 181 3.18 -20.10 -46.26
N GLY C 182 3.26 -19.12 -45.36
CA GLY C 182 3.78 -19.27 -44.01
C GLY C 182 5.28 -19.20 -43.88
N LEU C 183 6.01 -19.05 -44.99
CA LEU C 183 7.44 -18.83 -45.00
C LEU C 183 7.74 -17.33 -44.90
N TYR C 184 9.00 -17.00 -44.61
CA TYR C 184 9.45 -15.62 -44.58
C TYR C 184 10.33 -15.32 -45.79
N SER C 185 10.34 -14.05 -46.20
CA SER C 185 11.32 -13.60 -47.18
C SER C 185 11.91 -12.26 -46.78
N LEU C 186 13.16 -12.05 -47.15
CA LEU C 186 13.95 -10.89 -46.75
C LEU C 186 14.78 -10.46 -47.95
N SER C 187 15.17 -9.20 -47.97
CA SER C 187 16.12 -8.74 -48.97
C SER C 187 17.09 -7.75 -48.36
N SER C 188 18.32 -7.73 -48.91
CA SER C 188 19.36 -6.80 -48.48
C SER C 188 19.99 -6.15 -49.70
N VAL C 189 20.22 -4.83 -49.64
CA VAL C 189 20.73 -4.09 -50.79
C VAL C 189 21.83 -3.13 -50.37
N VAL C 190 22.67 -2.77 -51.34
CA VAL C 190 23.77 -1.83 -51.13
C VAL C 190 24.04 -1.10 -52.43
N THR C 191 24.44 0.17 -52.32
CA THR C 191 24.82 0.99 -53.47
C THR C 191 26.32 1.22 -53.50
N VAL C 192 26.90 1.03 -54.68
CA VAL C 192 28.35 1.02 -54.92
C VAL C 192 28.60 1.85 -56.16
N PRO C 193 29.85 2.27 -56.40
CA PRO C 193 30.14 2.98 -57.65
C PRO C 193 29.80 2.10 -58.85
N SER C 194 29.00 2.69 -59.76
CA SER C 194 28.57 2.01 -60.98
C SER C 194 29.68 1.88 -61.99
N SER C 195 30.75 2.68 -61.84
CA SER C 195 31.89 2.60 -62.74
C SER C 195 32.69 1.33 -62.57
N SER C 196 32.48 0.60 -61.46
CA SER C 196 33.35 -0.52 -61.13
C SER C 196 32.60 -1.83 -60.97
N LEU C 197 31.34 -1.90 -61.42
CA LEU C 197 30.58 -3.13 -61.27
C LEU C 197 31.20 -4.29 -62.04
N GLY C 198 31.92 -3.99 -63.12
CA GLY C 198 32.63 -5.01 -63.88
C GLY C 198 33.95 -5.42 -63.29
N THR C 199 34.49 -4.65 -62.35
CA THR C 199 35.83 -4.89 -61.84
C THR C 199 35.88 -5.31 -60.38
N GLN C 200 34.92 -4.86 -59.58
CA GLN C 200 34.87 -5.19 -58.16
C GLN C 200 34.05 -6.46 -57.94
N THR C 201 34.43 -7.23 -56.92
CA THR C 201 33.71 -8.44 -56.55
C THR C 201 32.94 -8.19 -55.25
N TYR C 202 31.62 -8.40 -55.29
CA TYR C 202 30.76 -8.34 -54.12
C TYR C 202 30.02 -9.65 -53.87
N ILE C 203 30.24 -10.25 -52.70
CA ILE C 203 29.59 -11.51 -52.32
C ILE C 203 28.87 -11.29 -51.00
N CYS C 204 27.58 -11.60 -50.97
CA CYS C 204 26.85 -11.67 -49.71
C CYS C 204 26.99 -13.04 -49.08
N ASN C 205 27.12 -13.04 -47.75
CA ASN C 205 27.28 -14.25 -46.94
C ASN C 205 26.05 -14.40 -46.06
N VAL C 206 25.27 -15.43 -46.34
CA VAL C 206 23.99 -15.67 -45.68
C VAL C 206 24.17 -16.86 -44.75
N ASN C 207 23.79 -16.68 -43.50
CA ASN C 207 23.81 -17.75 -42.52
C ASN C 207 22.41 -17.91 -41.95
N HIS C 208 21.93 -19.15 -41.90
CA HIS C 208 20.69 -19.48 -41.22
C HIS C 208 21.01 -20.58 -40.23
N LYS C 209 21.42 -20.17 -39.03
CA LYS C 209 21.86 -21.13 -38.02
C LYS C 209 20.83 -22.21 -37.70
N PRO C 210 19.54 -21.91 -37.53
CA PRO C 210 18.58 -22.98 -37.23
C PRO C 210 18.60 -24.10 -38.24
N SER C 211 18.83 -23.81 -39.51
CA SER C 211 18.98 -24.86 -40.50
C SER C 211 20.45 -25.17 -40.78
N ASN C 212 21.36 -24.49 -40.08
CA ASN C 212 22.80 -24.59 -40.31
C ASN C 212 23.18 -24.24 -41.76
N THR C 213 22.39 -23.41 -42.42
CA THR C 213 22.71 -22.99 -43.78
C THR C 213 23.79 -21.92 -43.77
N LYS C 214 24.79 -22.09 -44.63
CA LYS C 214 25.84 -21.08 -44.82
C LYS C 214 26.13 -20.97 -46.31
N VAL C 215 25.66 -19.89 -46.93
CA VAL C 215 25.67 -19.77 -48.38
C VAL C 215 26.30 -18.45 -48.77
N ASP C 216 27.22 -18.51 -49.73
CA ASP C 216 27.80 -17.34 -50.39
C ASP C 216 27.25 -17.22 -51.81
N LYS C 217 26.83 -16.01 -52.15
CA LYS C 217 26.32 -15.67 -53.47
C LYS C 217 27.13 -14.49 -54.01
N LYS C 218 27.79 -14.69 -55.15
CA LYS C 218 28.45 -13.60 -55.83
C LYS C 218 27.40 -12.75 -56.52
N VAL C 219 27.54 -11.44 -56.38
CA VAL C 219 26.63 -10.46 -56.97
C VAL C 219 27.40 -9.60 -57.95
N GLU C 220 27.01 -9.68 -59.21
CA GLU C 220 27.74 -9.12 -60.32
C GLU C 220 26.76 -8.57 -61.35
N PRO C 221 27.19 -7.59 -62.15
CA PRO C 221 26.31 -7.01 -63.17
C PRO C 221 26.03 -7.91 -64.33
N LYS C 222 26.70 -9.06 -64.37
CA LYS C 222 26.76 -9.88 -65.57
C LYS C 222 25.43 -10.59 -65.85
N SER C 223 24.66 -10.88 -64.82
CA SER C 223 23.30 -11.33 -65.09
C SER C 223 22.41 -10.12 -65.39
N CYS C 224 21.28 -10.41 -66.02
CA CYS C 224 20.34 -9.37 -66.42
C CYS C 224 19.58 -8.81 -65.24
N GLN D 1 22.86 0.35 5.01
CA GLN D 1 23.14 1.56 4.23
C GLN D 1 22.21 2.71 4.50
N VAL D 2 20.90 2.46 4.42
CA VAL D 2 19.95 3.50 4.74
C VAL D 2 20.14 3.89 6.18
N GLN D 3 20.14 5.19 6.46
CA GLN D 3 20.36 5.60 7.84
C GLN D 3 19.55 6.84 8.17
N LEU D 4 19.28 6.99 9.45
CA LEU D 4 18.69 8.20 10.00
C LEU D 4 19.61 8.65 11.13
N GLN D 5 19.86 9.94 11.21
CA GLN D 5 20.79 10.47 12.19
C GLN D 5 20.15 11.52 13.09
N GLN D 6 20.41 11.44 14.39
CA GLN D 6 19.87 12.39 15.33
C GLN D 6 20.94 12.84 16.31
N PRO D 7 20.82 14.04 16.86
CA PRO D 7 21.65 14.43 17.99
C PRO D 7 21.31 13.69 19.26
N GLY D 8 22.34 13.53 20.10
CA GLY D 8 22.24 12.67 21.27
C GLY D 8 21.39 13.16 22.44
N ALA D 9 21.50 14.44 22.80
CA ALA D 9 20.73 14.88 23.96
C ALA D 9 20.42 16.37 23.91
N GLU D 10 19.40 16.76 24.67
CA GLU D 10 19.02 18.15 24.84
C GLU D 10 18.77 18.47 26.30
N LEU D 11 19.25 19.64 26.72
CA LEU D 11 18.95 20.23 28.01
C LEU D 11 18.07 21.44 27.83
N VAL D 12 16.95 21.51 28.55
CA VAL D 12 15.97 22.57 28.35
C VAL D 12 15.50 23.15 29.67
N LYS D 13 15.40 24.45 29.75
CA LYS D 13 14.80 25.03 30.93
C LYS D 13 13.30 24.73 30.92
N PRO D 14 12.67 24.53 32.09
CA PRO D 14 11.22 24.36 32.13
C PRO D 14 10.42 25.47 31.47
N GLY D 15 9.34 25.10 30.80
CA GLY D 15 8.49 26.07 30.15
C GLY D 15 8.98 26.66 28.86
N ALA D 16 10.24 26.50 28.53
CA ALA D 16 10.77 26.92 27.24
C ALA D 16 10.34 25.92 26.18
N SER D 17 10.96 25.98 25.01
CA SER D 17 10.65 25.04 23.94
C SER D 17 11.94 24.50 23.37
N VAL D 18 11.82 23.36 22.70
CA VAL D 18 12.96 22.69 22.10
C VAL D 18 12.58 22.15 20.73
N LYS D 19 13.52 22.22 19.80
CA LYS D 19 13.38 21.69 18.45
C LYS D 19 14.51 20.71 18.15
N MET D 20 14.16 19.54 17.63
CA MET D 20 15.11 18.46 17.43
C MET D 20 14.93 17.84 16.06
N SER D 21 16.03 17.37 15.46
CA SER D 21 16.06 17.02 14.05
C SER D 21 16.45 15.58 13.78
N CYS D 22 15.88 15.02 12.71
CA CYS D 22 16.22 13.71 12.15
C CYS D 22 16.60 13.89 10.69
N LYS D 23 17.84 13.57 10.32
CA LYS D 23 18.32 13.75 8.95
C LYS D 23 18.41 12.41 8.22
N ALA D 24 17.84 12.35 7.01
CA ALA D 24 17.86 11.13 6.21
C ALA D 24 19.09 11.05 5.30
N SER D 25 19.46 9.82 4.96
CA SER D 25 20.52 9.59 4.00
C SER D 25 20.30 8.29 3.23
N GLY D 26 20.76 8.26 2.00
CA GLY D 26 20.79 7.02 1.24
C GLY D 26 19.53 6.60 0.50
N TYR D 27 18.49 7.41 0.49
CA TYR D 27 17.26 7.04 -0.18
C TYR D 27 16.55 8.31 -0.65
N THR D 28 15.54 8.13 -1.49
CA THR D 28 14.73 9.26 -1.97
C THR D 28 13.85 9.78 -0.85
N PHE D 29 14.32 10.83 -0.19
CA PHE D 29 13.66 11.37 0.98
C PHE D 29 12.19 11.69 0.76
N THR D 30 11.85 12.29 -0.36
CA THR D 30 10.47 12.72 -0.61
C THR D 30 9.48 11.61 -0.91
N SER D 31 9.85 10.34 -0.84
CA SER D 31 8.95 9.27 -1.27
C SER D 31 8.36 8.43 -0.16
N TYR D 32 8.66 8.68 1.11
CA TYR D 32 8.20 7.85 2.21
C TYR D 32 7.71 8.72 3.36
N ASN D 33 6.84 8.16 4.19
CA ASN D 33 6.40 8.83 5.40
C ASN D 33 7.41 8.72 6.53
N MET D 34 7.58 9.80 7.27
CA MET D 34 8.43 9.85 8.45
C MET D 34 7.58 9.87 9.71
N HIS D 35 7.90 9.03 10.68
CA HIS D 35 7.10 8.85 11.89
C HIS D 35 7.92 9.15 13.13
N TRP D 36 7.28 9.69 14.17
CA TRP D 36 7.91 10.00 15.46
C TRP D 36 7.33 9.15 16.60
N VAL D 37 8.19 8.63 17.48
CA VAL D 37 7.77 7.76 18.57
C VAL D 37 8.37 8.20 19.90
N LYS D 38 7.58 8.17 20.98
CA LYS D 38 8.00 8.52 22.34
C LYS D 38 8.09 7.29 23.25
N GLN D 39 9.21 7.15 23.96
CA GLN D 39 9.39 6.10 24.96
C GLN D 39 9.66 6.66 26.36
N THR D 40 9.06 6.06 27.37
CA THR D 40 9.32 6.43 28.74
C THR D 40 9.30 5.15 29.56
N PRO D 41 9.97 5.13 30.72
CA PRO D 41 9.98 3.90 31.53
C PRO D 41 8.67 3.61 32.20
N GLY D 42 7.71 4.54 32.17
CA GLY D 42 6.44 4.33 32.82
C GLY D 42 5.26 3.97 31.93
N ARG D 43 5.33 4.30 30.65
CA ARG D 43 4.19 4.08 29.76
C ARG D 43 4.59 3.50 28.42
N GLY D 44 5.77 2.91 28.32
CA GLY D 44 6.19 2.21 27.12
C GLY D 44 6.38 3.09 25.90
N LEU D 45 5.88 2.62 24.76
CA LEU D 45 5.99 3.32 23.49
C LEU D 45 4.67 3.95 23.08
N GLU D 46 4.73 5.22 22.69
CA GLU D 46 3.57 5.97 22.21
C GLU D 46 3.92 6.65 20.89
N TRP D 47 2.95 6.75 20.01
CA TRP D 47 3.14 7.29 18.68
C TRP D 47 2.67 8.73 18.62
N ILE D 48 3.54 9.64 18.18
CA ILE D 48 3.21 11.06 18.17
C ILE D 48 2.51 11.49 16.91
N GLY D 49 3.00 11.08 15.74
CA GLY D 49 2.48 11.62 14.51
C GLY D 49 3.43 11.36 13.36
N ALA D 50 3.04 11.86 12.19
CA ALA D 50 3.81 11.61 10.98
C ALA D 50 3.70 12.77 10.01
N ILE D 51 4.66 12.84 9.10
CA ILE D 51 4.68 13.83 8.04
C ILE D 51 5.02 13.15 6.73
N TYR D 52 4.38 13.55 5.65
CA TYR D 52 4.73 13.08 4.32
C TYR D 52 5.48 14.18 3.61
N PRO D 53 6.81 14.16 3.59
CA PRO D 53 7.54 15.29 3.02
C PRO D 53 7.32 15.52 1.56
N GLY D 54 6.70 14.57 0.86
CA GLY D 54 6.36 14.80 -0.53
C GLY D 54 5.42 15.97 -0.76
N ASN D 55 4.55 16.27 0.18
CA ASN D 55 3.72 17.44 0.02
C ASN D 55 3.41 18.21 1.29
N GLY D 56 3.76 17.70 2.47
CA GLY D 56 3.52 18.39 3.72
C GLY D 56 2.22 18.07 4.42
N ASP D 57 1.49 17.06 3.99
CA ASP D 57 0.38 16.54 4.77
C ASP D 57 0.90 15.96 6.07
N THR D 58 0.15 16.13 7.14
CA THR D 58 0.56 15.65 8.44
C THR D 58 -0.60 14.98 9.13
N SER D 59 -0.28 14.17 10.14
CA SER D 59 -1.32 13.59 10.97
C SER D 59 -0.83 13.50 12.40
N TYR D 60 -1.73 13.68 13.35
CA TYR D 60 -1.38 13.73 14.75
C TYR D 60 -2.24 12.81 15.59
N ASN D 61 -1.66 12.24 16.62
CA ASN D 61 -2.44 11.68 17.70
C ASN D 61 -3.04 12.79 18.54
N GLN D 62 -4.33 12.69 18.83
CA GLN D 62 -5.03 13.79 19.48
C GLN D 62 -4.40 14.16 20.81
N LYS D 63 -3.95 13.15 21.56
CA LYS D 63 -3.31 13.37 22.85
C LYS D 63 -2.08 14.25 22.79
N PHE D 64 -1.47 14.40 21.64
CA PHE D 64 -0.30 15.23 21.46
C PHE D 64 -0.58 16.40 20.54
N LYS D 65 -1.77 16.44 19.96
CA LYS D 65 -2.09 17.44 18.95
C LYS D 65 -1.87 18.86 19.44
N GLY D 66 -1.97 19.10 20.74
CA GLY D 66 -1.63 20.41 21.26
C GLY D 66 -0.16 20.65 21.56
N LYS D 67 0.64 19.60 21.64
CA LYS D 67 2.06 19.78 21.96
C LYS D 67 2.94 19.98 20.73
N ALA D 68 2.87 19.07 19.77
CA ALA D 68 3.85 18.93 18.70
C ALA D 68 3.56 19.79 17.47
N THR D 69 4.55 19.90 16.61
CA THR D 69 4.40 20.48 15.27
C THR D 69 5.49 19.94 14.37
N LEU D 70 5.09 19.29 13.29
CA LEU D 70 5.98 18.60 12.37
C LEU D 70 6.17 19.40 11.09
N THR D 71 7.42 19.52 10.62
CA THR D 71 7.68 20.22 9.37
C THR D 71 8.86 19.55 8.68
N ALA D 72 9.00 19.79 7.39
CA ALA D 72 10.08 19.20 6.62
C ALA D 72 10.65 20.15 5.58
N ASP D 73 11.98 20.14 5.47
CA ASP D 73 12.73 20.78 4.39
C ASP D 73 12.86 19.86 3.20
N LYS D 74 12.03 20.08 2.18
CA LYS D 74 12.04 19.27 0.98
C LYS D 74 13.36 19.29 0.24
N SER D 75 14.18 20.31 0.44
CA SER D 75 15.47 20.38 -0.23
C SER D 75 16.64 19.80 0.55
N SER D 76 16.72 20.05 1.84
CA SER D 76 17.88 19.65 2.64
C SER D 76 17.78 18.25 3.21
N SER D 77 16.66 17.56 3.03
CA SER D 77 16.50 16.19 3.53
C SER D 77 16.59 16.12 5.05
N THR D 78 15.91 17.04 5.72
CA THR D 78 15.91 17.10 7.17
C THR D 78 14.48 17.25 7.67
N ALA D 79 14.09 16.45 8.64
CA ALA D 79 12.81 16.63 9.30
C ALA D 79 12.97 17.29 10.65
N TYR D 80 12.02 18.11 11.03
CA TYR D 80 12.04 18.74 12.33
C TYR D 80 10.77 18.41 13.09
N MET D 81 10.90 18.29 14.41
CA MET D 81 9.77 18.31 15.31
C MET D 81 10.01 19.41 16.33
N GLN D 82 8.99 20.21 16.60
CA GLN D 82 9.06 21.23 17.63
C GLN D 82 8.08 20.88 18.74
N LEU D 83 8.55 20.96 19.97
CA LEU D 83 7.74 20.79 21.17
C LEU D 83 7.68 22.09 21.94
N SER D 84 6.50 22.45 22.43
CA SER D 84 6.31 23.70 23.14
C SER D 84 5.72 23.48 24.53
N SER D 85 6.01 24.43 25.42
CA SER D 85 5.57 24.44 26.82
C SER D 85 5.96 23.18 27.63
N LEU D 86 7.25 22.90 27.68
CA LEU D 86 7.74 21.67 28.29
C LEU D 86 7.57 21.65 29.79
N THR D 87 7.23 20.48 30.33
CA THR D 87 7.09 20.23 31.77
C THR D 87 7.85 18.96 32.10
N SER D 88 7.92 18.65 33.38
CA SER D 88 8.57 17.42 33.85
C SER D 88 8.03 16.15 33.21
N GLU D 89 6.80 16.17 32.71
CA GLU D 89 6.21 15.02 32.02
C GLU D 89 6.90 14.64 30.72
N ASP D 90 7.60 15.55 30.08
CA ASP D 90 8.19 15.33 28.76
C ASP D 90 9.55 14.67 28.75
N SER D 91 10.19 14.43 29.88
CA SER D 91 11.50 13.79 29.83
C SER D 91 11.41 12.34 29.40
N ALA D 92 11.91 12.06 28.20
CA ALA D 92 11.69 10.82 27.48
C ALA D 92 12.73 10.73 26.38
N VAL D 93 12.78 9.58 25.71
CA VAL D 93 13.54 9.38 24.49
C VAL D 93 12.65 9.45 23.26
N TYR D 94 13.05 10.23 22.24
CA TYR D 94 12.27 10.41 21.02
C TYR D 94 13.00 9.83 19.82
N TYR D 95 12.33 8.99 19.04
CA TYR D 95 12.86 8.42 17.81
C TYR D 95 12.11 8.92 16.58
N CYS D 96 12.82 9.14 15.48
CA CYS D 96 12.22 9.07 14.16
C CYS D 96 12.30 7.67 13.59
N ALA D 97 11.36 7.35 12.71
CA ALA D 97 11.33 6.06 12.03
C ALA D 97 10.74 6.21 10.64
N ARG D 98 11.17 5.36 9.73
CA ARG D 98 10.73 5.31 8.34
C ARG D 98 9.78 4.14 8.17
N SER D 99 8.63 4.35 7.53
CA SER D 99 7.78 3.20 7.26
C SER D 99 7.52 2.95 5.78
N THR D 100 7.41 1.66 5.45
CA THR D 100 7.30 1.17 4.09
C THR D 100 6.17 0.15 4.01
N TYR D 101 5.53 0.08 2.86
CA TYR D 101 4.50 -0.93 2.61
C TYR D 101 5.15 -2.21 2.12
N TYR D 102 5.04 -3.30 2.86
CA TYR D 102 5.86 -4.48 2.58
C TYR D 102 5.18 -5.77 3.00
N GLY D 103 4.96 -6.66 2.04
CA GLY D 103 4.36 -7.94 2.37
C GLY D 103 2.90 -7.90 2.74
N GLY D 104 2.20 -6.87 2.31
CA GLY D 104 0.78 -6.75 2.56
C GLY D 104 0.40 -5.96 3.79
N ASP D 105 1.35 -5.32 4.48
CA ASP D 105 1.03 -4.43 5.57
C ASP D 105 2.17 -3.43 5.69
N TRP D 106 1.95 -2.32 6.40
CA TRP D 106 3.05 -1.41 6.66
C TRP D 106 3.99 -1.98 7.73
N TYR D 107 5.28 -1.64 7.68
CA TYR D 107 6.06 -1.84 8.91
C TYR D 107 7.19 -0.83 9.02
N PHE D 108 7.62 -0.56 10.26
CA PHE D 108 8.72 0.36 10.56
C PHE D 108 10.06 -0.28 10.30
N ASN D 109 10.64 -0.09 9.14
CA ASN D 109 11.79 -0.90 8.77
C ASN D 109 13.12 -0.29 9.20
N VAL D 110 13.19 1.02 9.44
CA VAL D 110 14.43 1.66 9.89
C VAL D 110 14.14 2.66 11.00
N TRP D 111 15.02 2.69 12.01
CA TRP D 111 14.87 3.57 13.17
C TRP D 111 16.10 4.44 13.40
N GLY D 112 15.88 5.68 13.79
CA GLY D 112 16.95 6.53 14.25
C GLY D 112 17.53 6.11 15.58
N ALA D 113 18.71 6.63 15.89
CA ALA D 113 19.44 6.33 17.11
C ALA D 113 18.81 6.87 18.39
N GLY D 114 17.83 7.74 18.32
CA GLY D 114 17.15 8.31 19.48
C GLY D 114 17.78 9.52 20.15
N THR D 115 16.95 10.47 20.58
CA THR D 115 17.36 11.67 21.30
C THR D 115 16.78 11.69 22.70
N THR D 116 17.58 12.05 23.69
CA THR D 116 17.13 12.13 25.07
C THR D 116 16.86 13.55 25.50
N VAL D 117 15.67 13.81 26.04
CA VAL D 117 15.31 15.13 26.53
C VAL D 117 15.21 15.09 28.04
N THR D 118 15.92 15.98 28.71
CA THR D 118 15.78 16.17 30.14
C THR D 118 15.15 17.51 30.45
N VAL D 119 14.09 17.50 31.22
CA VAL D 119 13.49 18.73 31.70
C VAL D 119 13.91 19.00 33.12
N SER D 120 14.65 20.08 33.33
CA SER D 120 15.20 20.38 34.64
C SER D 120 15.57 21.84 34.69
N ALA D 121 15.34 22.49 35.82
CA ALA D 121 15.84 23.84 36.00
C ALA D 121 17.28 23.89 36.51
N ALA D 122 17.85 22.78 36.95
CA ALA D 122 19.09 22.82 37.73
C ALA D 122 20.32 23.18 36.90
N SER D 123 21.23 23.92 37.53
CA SER D 123 22.54 24.30 37.01
C SER D 123 23.50 23.12 37.04
N THR D 124 24.60 23.24 36.29
CA THR D 124 25.70 22.28 36.44
C THR D 124 26.25 22.29 37.86
N LYS D 125 26.47 21.09 38.41
CA LYS D 125 26.97 20.88 39.76
C LYS D 125 28.06 19.82 39.77
N GLY D 126 29.24 20.14 40.30
CA GLY D 126 30.29 19.15 40.45
C GLY D 126 30.08 18.30 41.69
N PRO D 127 30.32 16.99 41.58
CA PRO D 127 30.02 16.06 42.69
C PRO D 127 30.98 16.17 43.85
N SER D 128 30.51 15.69 45.01
CA SER D 128 31.35 15.38 46.16
C SER D 128 31.53 13.87 46.29
N VAL D 129 32.77 13.42 46.44
CA VAL D 129 33.08 12.00 46.50
C VAL D 129 33.44 11.58 47.91
N PHE D 130 32.69 10.64 48.48
CA PHE D 130 32.95 10.18 49.82
C PHE D 130 33.31 8.70 49.80
N PRO D 131 34.31 8.30 50.57
CA PRO D 131 34.68 6.88 50.61
C PRO D 131 33.71 6.04 51.43
N LEU D 132 33.49 4.81 50.97
CA LEU D 132 32.87 3.75 51.77
C LEU D 132 34.03 2.89 52.22
N ALA D 133 34.64 3.29 53.33
CA ALA D 133 35.88 2.68 53.76
C ALA D 133 35.69 1.20 54.11
N PRO D 134 36.62 0.35 53.70
CA PRO D 134 36.58 -1.05 54.13
C PRO D 134 36.82 -1.14 55.62
N SER D 135 36.23 -2.16 56.24
CA SER D 135 36.33 -2.27 57.69
C SER D 135 36.07 -3.71 58.10
N SER D 136 36.22 -3.97 59.39
CA SER D 136 35.76 -5.25 59.93
C SER D 136 34.27 -5.38 59.72
N LYS D 137 33.56 -4.26 59.84
CA LYS D 137 32.16 -4.14 59.47
C LYS D 137 31.93 -4.27 57.97
N SER D 138 32.99 -4.49 57.17
CA SER D 138 32.87 -4.84 55.77
C SER D 138 33.77 -6.00 55.37
N THR D 139 34.06 -6.93 56.28
CA THR D 139 34.91 -8.08 55.97
C THR D 139 34.08 -9.35 55.95
N SER D 140 34.33 -10.20 54.95
CA SER D 140 33.59 -11.47 54.83
C SER D 140 34.40 -12.49 54.05
N GLY D 141 34.65 -13.65 54.67
CA GLY D 141 35.12 -14.84 53.99
C GLY D 141 36.45 -14.69 53.29
N GLY D 142 37.29 -13.80 53.77
CA GLY D 142 38.53 -13.45 53.12
C GLY D 142 38.39 -12.38 52.07
N THR D 143 37.22 -11.75 51.97
CA THR D 143 36.99 -10.63 51.06
C THR D 143 36.46 -9.44 51.85
N ALA D 144 36.74 -8.25 51.34
CA ALA D 144 36.19 -7.02 51.87
C ALA D 144 35.46 -6.26 50.77
N ALA D 145 34.38 -5.58 51.12
CA ALA D 145 33.73 -4.69 50.17
C ALA D 145 34.15 -3.26 50.48
N LEU D 146 34.50 -2.53 49.42
CA LEU D 146 34.88 -1.13 49.51
C LEU D 146 34.33 -0.44 48.29
N GLY D 147 34.32 0.89 48.31
CA GLY D 147 33.78 1.58 47.16
C GLY D 147 34.00 3.06 47.23
N CYS D 148 33.33 3.76 46.31
CA CYS D 148 33.30 5.21 46.30
C CYS D 148 31.85 5.62 46.11
N LEU D 149 31.44 6.66 46.84
CA LEU D 149 30.16 7.32 46.63
C LEU D 149 30.35 8.62 45.87
N VAL D 150 29.74 8.72 44.70
CA VAL D 150 29.75 9.94 43.92
C VAL D 150 28.42 10.65 44.13
N LYS D 151 28.40 11.61 45.04
CA LYS D 151 27.18 12.22 45.56
C LYS D 151 26.92 13.55 44.86
N ASP D 152 25.65 13.81 44.51
CA ASP D 152 25.19 15.14 44.11
C ASP D 152 25.95 15.78 42.95
N TYR D 153 25.65 15.37 41.72
CA TYR D 153 26.17 15.98 40.51
C TYR D 153 25.06 16.23 39.51
N PHE D 154 25.34 17.10 38.54
CA PHE D 154 24.44 17.36 37.43
C PHE D 154 25.18 17.91 36.22
N PRO D 155 24.80 17.53 34.99
CA PRO D 155 23.84 16.49 34.64
C PRO D 155 24.50 15.13 34.58
N GLU D 156 23.81 14.08 34.16
CA GLU D 156 24.49 12.84 33.82
C GLU D 156 25.35 13.02 32.57
N PRO D 157 26.36 12.16 32.38
CA PRO D 157 26.83 11.00 33.14
C PRO D 157 28.06 11.28 33.98
N VAL D 158 28.34 10.39 34.94
CA VAL D 158 29.64 10.24 35.59
C VAL D 158 30.28 8.95 35.11
N THR D 159 31.59 8.99 34.85
CA THR D 159 32.37 7.78 34.61
C THR D 159 33.25 7.47 35.81
N VAL D 160 33.29 6.20 36.19
CA VAL D 160 34.15 5.70 37.26
C VAL D 160 35.06 4.60 36.72
N SER D 161 36.35 4.69 37.09
CA SER D 161 37.31 3.62 36.90
C SER D 161 38.07 3.43 38.20
N TRP D 162 38.85 2.36 38.28
CA TRP D 162 39.67 2.10 39.46
C TRP D 162 41.13 1.92 39.09
N ASN D 163 42.01 2.58 39.82
CA ASN D 163 43.46 2.56 39.57
C ASN D 163 43.77 2.79 38.10
N SER D 164 43.14 3.82 37.53
CA SER D 164 43.27 4.14 36.11
C SER D 164 42.83 2.97 35.23
N GLY D 165 41.91 2.14 35.71
CA GLY D 165 41.50 0.96 35.00
C GLY D 165 42.32 -0.29 35.23
N ALA D 166 43.33 -0.24 36.10
CA ALA D 166 44.07 -1.46 36.40
C ALA D 166 43.29 -2.44 37.27
N LEU D 167 42.24 -2.00 37.95
CA LEU D 167 41.39 -2.89 38.73
C LEU D 167 40.00 -2.91 38.08
N THR D 168 39.56 -4.10 37.66
CA THR D 168 38.27 -4.25 37.01
C THR D 168 37.45 -5.45 37.50
N SER D 169 38.09 -6.54 37.91
CA SER D 169 37.40 -7.70 38.44
C SER D 169 36.53 -7.36 39.64
N GLY D 170 35.27 -7.77 39.59
CA GLY D 170 34.32 -7.54 40.67
C GLY D 170 33.82 -6.14 40.88
N VAL D 171 34.06 -5.21 39.99
CA VAL D 171 33.51 -3.87 40.15
C VAL D 171 32.06 -3.88 39.72
N HIS D 172 31.18 -3.35 40.55
CA HIS D 172 29.79 -3.07 40.22
C HIS D 172 29.50 -1.59 40.42
N THR D 173 29.23 -0.89 39.32
CA THR D 173 28.72 0.47 39.34
C THR D 173 27.22 0.52 39.09
N PHE D 174 26.50 1.02 40.05
CA PHE D 174 25.04 1.05 40.04
C PHE D 174 24.55 2.20 39.16
N PRO D 175 23.41 2.03 38.49
CA PRO D 175 22.73 3.16 37.86
C PRO D 175 22.45 4.34 38.79
N ALA D 176 22.68 5.54 38.28
CA ALA D 176 22.46 6.76 39.06
C ALA D 176 20.99 6.92 39.43
N VAL D 177 20.74 7.43 40.63
CA VAL D 177 19.40 7.80 41.10
C VAL D 177 19.23 9.31 41.08
N LEU D 178 18.10 9.78 40.55
CA LEU D 178 17.76 11.19 40.63
C LEU D 178 17.19 11.45 42.01
N GLN D 179 17.76 12.43 42.72
CA GLN D 179 17.32 12.73 44.07
C GLN D 179 16.23 13.80 44.11
N SER D 180 15.57 13.89 45.26
CA SER D 180 14.53 14.88 45.46
C SER D 180 15.05 16.31 45.42
N SER D 181 16.34 16.52 45.65
CA SER D 181 16.92 17.83 45.42
C SER D 181 17.12 18.13 43.93
N GLY D 182 16.89 17.13 43.07
CA GLY D 182 17.12 17.23 41.64
C GLY D 182 18.52 16.89 41.18
N LEU D 183 19.44 16.60 42.10
CA LEU D 183 20.77 16.11 41.80
C LEU D 183 20.74 14.59 41.65
N TYR D 184 21.81 14.04 41.09
CA TYR D 184 21.98 12.59 40.98
C TYR D 184 23.02 12.10 41.97
N SER D 185 22.86 10.85 42.40
CA SER D 185 23.91 10.18 43.17
C SER D 185 24.13 8.75 42.68
N LEU D 186 25.38 8.32 42.77
CA LEU D 186 25.81 7.04 42.23
C LEU D 186 26.80 6.42 43.21
N SER D 187 26.94 5.11 43.18
CA SER D 187 27.99 4.46 43.96
C SER D 187 28.59 3.32 43.16
N SER D 188 29.87 3.04 43.41
CA SER D 188 30.59 1.93 42.80
C SER D 188 31.34 1.15 43.85
N VAL D 189 31.29 -0.19 43.78
CA VAL D 189 31.90 -1.03 44.81
C VAL D 189 32.69 -2.16 44.16
N VAL D 190 33.66 -2.69 44.92
CA VAL D 190 34.47 -3.82 44.48
C VAL D 190 34.89 -4.62 45.71
N THR D 191 35.04 -5.93 45.52
CA THR D 191 35.56 -6.82 46.55
C THR D 191 36.99 -7.23 46.26
N VAL D 192 37.83 -7.16 47.28
CA VAL D 192 39.28 -7.42 47.21
C VAL D 192 39.64 -8.34 48.36
N PRO D 193 40.78 -9.04 48.26
CA PRO D 193 41.24 -9.82 49.42
C PRO D 193 41.45 -8.93 50.64
N SER D 194 40.75 -9.26 51.72
CA SER D 194 40.80 -8.51 52.97
C SER D 194 42.13 -8.64 53.67
N SER D 195 42.90 -9.68 53.36
CA SER D 195 44.21 -9.87 53.97
C SER D 195 45.18 -8.79 53.55
N SER D 196 45.00 -8.22 52.36
CA SER D 196 45.97 -7.26 51.83
C SER D 196 45.44 -5.83 51.77
N LEU D 197 44.30 -5.54 52.40
CA LEU D 197 43.84 -4.16 52.49
C LEU D 197 44.88 -3.26 53.13
N GLY D 198 45.70 -3.81 54.03
CA GLY D 198 46.77 -3.07 54.65
C GLY D 198 48.00 -2.86 53.80
N THR D 199 48.08 -3.53 52.66
CA THR D 199 49.25 -3.42 51.79
C THR D 199 48.94 -2.89 50.41
N GLN D 200 47.75 -3.16 49.88
CA GLN D 200 47.40 -2.75 48.53
C GLN D 200 46.74 -1.38 48.56
N THR D 201 47.04 -0.54 47.58
CA THR D 201 46.41 0.75 47.47
C THR D 201 45.36 0.71 46.37
N TYR D 202 44.14 1.12 46.70
CA TYR D 202 43.04 1.25 45.75
C TYR D 202 42.53 2.68 45.63
N ILE D 203 42.60 3.24 44.42
CA ILE D 203 42.12 4.59 44.15
C ILE D 203 41.11 4.51 43.02
N CYS D 204 39.92 5.05 43.25
CA CYS D 204 38.96 5.27 42.18
C CYS D 204 39.21 6.60 41.50
N ASN D 205 39.05 6.60 40.18
CA ASN D 205 39.22 7.77 39.33
C ASN D 205 37.87 8.16 38.77
N VAL D 206 37.38 9.32 39.19
CA VAL D 206 36.07 9.81 38.84
C VAL D 206 36.25 10.96 37.87
N ASN D 207 35.59 10.88 36.73
CA ASN D 207 35.59 11.95 35.75
C ASN D 207 34.16 12.38 35.51
N HIS D 208 33.94 13.69 35.55
CA HIS D 208 32.67 14.28 35.14
C HIS D 208 32.96 15.33 34.10
N LYS D 209 33.06 14.88 32.84
CA LYS D 209 33.45 15.77 31.75
C LYS D 209 32.59 17.02 31.63
N PRO D 210 31.25 16.96 31.75
CA PRO D 210 30.46 18.20 31.64
C PRO D 210 30.91 19.27 32.61
N SER D 211 31.38 18.90 33.80
CA SER D 211 31.92 19.89 34.72
C SER D 211 33.44 19.92 34.68
N ASN D 212 34.05 19.10 33.81
CA ASN D 212 35.49 18.91 33.74
C ASN D 212 36.10 18.48 35.08
N THR D 213 35.32 17.78 35.90
CA THR D 213 35.83 17.27 37.17
C THR D 213 36.66 16.01 36.94
N LYS D 214 37.84 15.96 37.56
CA LYS D 214 38.68 14.76 37.54
C LYS D 214 39.27 14.56 38.92
N VAL D 215 38.74 13.58 39.66
CA VAL D 215 39.07 13.43 41.06
C VAL D 215 39.50 11.99 41.33
N ASP D 216 40.62 11.84 42.04
CA ASP D 216 41.11 10.57 42.55
C ASP D 216 40.91 10.50 44.06
N LYS D 217 40.32 9.41 44.52
CA LYS D 217 40.08 9.16 45.94
C LYS D 217 40.72 7.84 46.32
N LYS D 218 41.63 7.90 47.28
CA LYS D 218 42.19 6.68 47.85
C LYS D 218 41.15 6.03 48.75
N VAL D 219 41.09 4.70 48.68
CA VAL D 219 40.23 3.91 49.56
C VAL D 219 41.09 2.96 50.38
N GLU D 220 41.01 3.09 51.69
CA GLU D 220 41.85 2.38 52.63
C GLU D 220 41.06 2.03 53.87
N PRO D 221 41.48 0.98 54.61
CA PRO D 221 40.65 0.47 55.72
C PRO D 221 40.58 1.35 56.96
N LYS D 222 40.51 2.66 56.82
CA LYS D 222 40.10 3.51 57.93
C LYS D 222 38.61 3.42 58.23
N SER D 223 38.22 2.49 59.09
CA SER D 223 36.84 2.39 59.53
C SER D 223 36.31 3.73 60.04
N CYS D 224 34.99 3.89 60.05
CA CYS D 224 34.33 5.12 60.51
C CYS D 224 34.99 6.40 59.99
N GLN E 1 -13.62 -1.06 -16.79
CA GLN E 1 -12.45 -0.78 -17.62
C GLN E 1 -12.55 0.61 -18.19
N ILE E 2 -11.45 1.37 -18.16
CA ILE E 2 -11.43 2.71 -18.70
C ILE E 2 -10.32 2.79 -19.72
N VAL E 3 -10.50 3.63 -20.72
CA VAL E 3 -9.62 3.66 -21.87
C VAL E 3 -8.87 4.98 -21.87
N LEU E 4 -7.61 4.93 -22.28
CA LEU E 4 -6.73 6.09 -22.32
C LEU E 4 -6.40 6.38 -23.78
N SER E 5 -6.70 7.59 -24.23
CA SER E 5 -6.35 7.99 -25.58
C SER E 5 -5.17 8.94 -25.58
N GLN E 6 -4.25 8.74 -26.51
CA GLN E 6 -3.05 9.55 -26.62
C GLN E 6 -3.06 10.30 -27.94
N SER E 7 -2.45 11.48 -27.94
CA SER E 7 -2.30 12.29 -29.14
C SER E 7 -1.02 13.09 -29.06
N PRO E 8 -0.40 13.41 -30.19
CA PRO E 8 -0.67 12.86 -31.51
C PRO E 8 -0.19 11.45 -31.66
N ALA E 9 -0.53 10.79 -32.78
CA ALA E 9 -0.02 9.46 -33.06
C ALA E 9 1.46 9.48 -33.39
N ILE E 10 1.88 10.42 -34.22
CA ILE E 10 3.28 10.66 -34.53
C ILE E 10 3.57 12.12 -34.25
N LEU E 11 4.68 12.38 -33.57
CA LEU E 11 5.08 13.70 -33.10
C LEU E 11 6.44 14.03 -33.64
N SER E 12 6.69 15.29 -33.94
CA SER E 12 7.97 15.62 -34.54
C SER E 12 8.48 16.99 -34.14
N ALA E 13 9.80 17.11 -34.01
CA ALA E 13 10.47 18.35 -33.67
C ALA E 13 11.92 18.26 -34.10
N SER E 14 12.57 19.40 -34.15
CA SER E 14 14.00 19.62 -34.34
C SER E 14 14.72 19.58 -33.00
N PRO E 15 15.97 19.10 -32.95
CA PRO E 15 16.69 19.13 -31.67
C PRO E 15 16.71 20.50 -31.03
N GLY E 16 16.63 20.52 -29.71
CA GLY E 16 16.79 21.74 -28.94
C GLY E 16 15.56 22.56 -28.62
N GLU E 17 14.36 22.05 -28.83
CA GLU E 17 13.18 22.82 -28.50
C GLU E 17 12.11 21.97 -27.83
N LYS E 18 11.11 22.68 -27.33
CA LYS E 18 10.10 22.11 -26.47
C LYS E 18 9.08 21.36 -27.31
N VAL E 19 8.59 20.24 -26.77
CA VAL E 19 7.49 19.45 -27.33
C VAL E 19 6.64 18.92 -26.19
N THR E 20 5.36 18.68 -26.49
CA THR E 20 4.46 18.17 -25.47
C THR E 20 3.51 17.14 -26.07
N MET E 21 3.05 16.22 -25.22
CA MET E 21 2.12 15.18 -25.62
C MET E 21 1.15 14.91 -24.49
N THR E 22 -0.06 14.50 -24.87
CA THR E 22 -1.18 14.39 -23.94
C THR E 22 -1.68 12.96 -23.86
N CYS E 23 -2.22 12.61 -22.71
CA CYS E 23 -2.99 11.39 -22.51
C CYS E 23 -4.27 11.80 -21.81
N ARG E 24 -5.41 11.41 -22.36
CA ARG E 24 -6.71 11.74 -21.76
C ARG E 24 -7.49 10.48 -21.43
N ALA E 25 -7.88 10.35 -20.18
CA ALA E 25 -8.72 9.27 -19.72
C ALA E 25 -10.19 9.55 -19.92
N SER E 26 -10.97 8.50 -20.14
CA SER E 26 -12.42 8.63 -20.19
C SER E 26 -13.00 8.95 -18.82
N SER E 27 -12.25 8.70 -17.75
CA SER E 27 -12.69 9.03 -16.41
C SER E 27 -11.49 9.49 -15.61
N SER E 28 -11.74 10.22 -14.54
CA SER E 28 -10.64 10.80 -13.77
C SER E 28 -9.84 9.73 -13.04
N VAL E 29 -8.52 9.90 -13.03
CA VAL E 29 -7.60 8.94 -12.44
C VAL E 29 -6.71 9.63 -11.44
N SER E 30 -6.27 8.88 -10.43
CA SER E 30 -5.43 9.43 -9.39
C SER E 30 -4.03 9.77 -9.89
N TYR E 31 -3.44 8.93 -10.72
CA TYR E 31 -2.11 9.19 -11.21
C TYR E 31 -1.97 8.60 -12.59
N ILE E 32 -1.00 9.09 -13.34
CA ILE E 32 -0.55 8.45 -14.56
C ILE E 32 0.92 8.08 -14.43
N HIS E 33 1.30 6.96 -15.00
CA HIS E 33 2.67 6.54 -15.10
C HIS E 33 3.06 6.51 -16.57
N TRP E 34 4.28 6.90 -16.89
CA TRP E 34 4.77 6.91 -18.27
C TRP E 34 5.90 5.89 -18.46
N PHE E 35 5.85 5.15 -19.56
CA PHE E 35 6.91 4.21 -19.93
C PHE E 35 7.53 4.51 -21.29
N GLN E 36 8.83 4.28 -21.41
CA GLN E 36 9.56 4.38 -22.68
C GLN E 36 9.95 3.00 -23.17
N GLN E 37 9.71 2.73 -24.45
CA GLN E 37 10.19 1.52 -25.10
C GLN E 37 10.86 1.82 -26.42
N LYS E 38 11.97 1.17 -26.66
CA LYS E 38 12.65 1.19 -27.94
C LYS E 38 12.53 -0.18 -28.58
N PRO E 39 12.64 -0.28 -29.90
CA PRO E 39 12.60 -1.60 -30.55
C PRO E 39 13.59 -2.57 -29.93
N GLY E 40 13.15 -3.79 -29.70
CA GLY E 40 14.05 -4.81 -29.20
C GLY E 40 14.39 -4.77 -27.73
N SER E 41 13.62 -4.10 -26.88
CA SER E 41 13.83 -4.20 -25.45
C SER E 41 12.51 -4.19 -24.71
N SER E 42 12.55 -4.58 -23.45
CA SER E 42 11.45 -4.37 -22.53
C SER E 42 11.19 -2.88 -22.34
N PRO E 43 9.96 -2.52 -22.01
CA PRO E 43 9.68 -1.14 -21.60
C PRO E 43 10.55 -0.74 -20.43
N LYS E 44 10.83 0.53 -20.33
CA LYS E 44 11.45 1.03 -19.12
C LYS E 44 10.51 1.96 -18.38
N PRO E 45 10.47 1.90 -17.06
CA PRO E 45 9.73 2.92 -16.33
C PRO E 45 10.39 4.26 -16.49
N TRP E 46 9.57 5.31 -16.58
CA TRP E 46 10.10 6.63 -16.88
C TRP E 46 9.64 7.71 -15.92
N ILE E 47 8.34 7.82 -15.68
CA ILE E 47 7.79 8.73 -14.69
C ILE E 47 6.74 8.01 -13.87
N TYR E 48 6.81 8.13 -12.56
CA TYR E 48 5.84 7.48 -11.71
C TYR E 48 5.09 8.51 -10.88
N ALA E 49 3.83 8.21 -10.63
CA ALA E 49 2.92 9.09 -9.92
C ALA E 49 2.92 10.53 -10.43
N THR E 50 2.63 10.66 -11.72
CA THR E 50 2.39 11.93 -12.39
C THR E 50 3.58 12.87 -12.52
N SER E 51 4.48 12.89 -11.58
CA SER E 51 5.47 13.97 -11.63
C SER E 51 6.84 13.62 -11.06
N ASN E 52 7.11 12.38 -10.69
CA ASN E 52 8.40 12.02 -10.13
C ASN E 52 9.24 11.30 -11.16
N LEU E 53 10.44 11.78 -11.40
CA LEU E 53 11.33 11.12 -12.33
C LEU E 53 11.87 9.83 -11.75
N ALA E 54 11.87 8.78 -12.56
CA ALA E 54 12.53 7.54 -12.18
C ALA E 54 14.04 7.72 -12.16
N SER E 55 14.71 6.74 -11.58
CA SER E 55 16.17 6.78 -11.43
C SER E 55 16.88 6.89 -12.77
N GLY E 56 17.82 7.83 -12.85
CA GLY E 56 18.59 8.06 -14.05
C GLY E 56 17.90 8.80 -15.17
N VAL E 57 16.62 9.10 -15.06
CA VAL E 57 15.99 9.86 -16.15
C VAL E 57 16.59 11.25 -16.25
N PRO E 58 17.07 11.66 -17.41
CA PRO E 58 17.61 13.01 -17.56
C PRO E 58 16.59 14.08 -17.18
N VAL E 59 17.10 15.17 -16.60
CA VAL E 59 16.33 16.33 -16.18
C VAL E 59 15.62 17.09 -17.30
N ARG E 60 15.87 16.75 -18.56
CA ARG E 60 15.06 17.35 -19.63
C ARG E 60 13.56 17.11 -19.45
N PHE E 61 13.17 15.98 -18.87
CA PHE E 61 11.76 15.58 -18.81
C PHE E 61 11.04 16.18 -17.63
N SER E 62 9.74 16.41 -17.79
CA SER E 62 8.89 16.72 -16.66
C SER E 62 7.48 16.21 -16.95
N GLY E 63 6.72 16.03 -15.89
CA GLY E 63 5.36 15.54 -16.02
C GLY E 63 4.39 16.33 -15.17
N SER E 64 3.16 16.45 -15.66
CA SER E 64 2.19 17.33 -15.03
C SER E 64 0.78 16.90 -15.39
N GLY E 65 -0.17 17.37 -14.60
CA GLY E 65 -1.57 17.19 -14.90
C GLY E 65 -2.42 16.87 -13.70
N SER E 66 -3.74 16.80 -13.88
CA SER E 66 -4.62 16.37 -12.80
C SER E 66 -5.98 16.02 -13.38
N GLY E 67 -6.72 15.23 -12.62
CA GLY E 67 -8.05 14.80 -13.01
C GLY E 67 -8.12 13.90 -14.21
N THR E 68 -8.77 14.33 -15.28
CA THR E 68 -8.81 13.55 -16.50
C THR E 68 -7.70 13.88 -17.49
N SER E 69 -7.05 15.03 -17.36
CA SER E 69 -6.12 15.52 -18.37
C SER E 69 -4.71 15.57 -17.85
N TYR E 70 -3.75 15.03 -18.61
CA TYR E 70 -2.36 14.95 -18.19
C TYR E 70 -1.46 15.26 -19.37
N SER E 71 -0.23 15.64 -19.07
CA SER E 71 0.75 15.85 -20.11
C SER E 71 2.14 15.44 -19.64
N LEU E 72 2.99 15.13 -20.61
CA LEU E 72 4.41 14.93 -20.44
C LEU E 72 5.12 15.91 -21.36
N THR E 73 6.25 16.48 -20.93
CA THR E 73 6.88 17.52 -21.72
C THR E 73 8.39 17.35 -21.76
N ILE E 74 9.00 17.66 -22.92
CA ILE E 74 10.44 17.57 -23.09
C ILE E 74 10.98 18.93 -23.48
N SER E 75 11.90 19.44 -22.66
CA SER E 75 12.36 20.81 -22.84
C SER E 75 13.22 21.02 -24.07
N ARG E 76 14.16 20.11 -24.35
CA ARG E 76 15.09 20.26 -25.48
C ARG E 76 15.42 18.90 -26.09
N VAL E 77 14.65 18.48 -27.10
CA VAL E 77 14.79 17.12 -27.58
C VAL E 77 16.19 16.89 -28.09
N GLU E 78 16.66 15.66 -27.93
CA GLU E 78 17.97 15.26 -28.38
C GLU E 78 17.86 13.95 -29.14
N ALA E 79 18.89 13.65 -29.93
CA ALA E 79 18.82 12.48 -30.80
C ALA E 79 18.55 11.18 -30.07
N GLU E 80 18.88 11.08 -28.78
CA GLU E 80 18.61 9.86 -28.04
C GLU E 80 17.20 9.77 -27.53
N ASP E 81 16.43 10.83 -27.64
CA ASP E 81 15.07 10.84 -27.12
C ASP E 81 14.08 10.04 -27.96
N ALA E 82 14.44 9.62 -29.16
CA ALA E 82 13.56 8.87 -30.06
C ALA E 82 13.08 7.52 -29.58
N ALA E 83 11.81 7.41 -29.20
CA ALA E 83 11.25 6.16 -28.67
C ALA E 83 9.73 6.26 -28.71
N THR E 84 9.06 5.19 -28.28
CA THR E 84 7.61 5.19 -28.08
C THR E 84 7.23 5.27 -26.61
N TYR E 85 6.28 6.14 -26.27
CA TYR E 85 5.87 6.39 -24.88
C TYR E 85 4.43 5.96 -24.61
N TYR E 86 4.21 5.11 -23.61
CA TYR E 86 2.87 4.69 -23.20
C TYR E 86 2.54 5.28 -21.85
N CYS E 87 1.34 5.84 -21.70
CA CYS E 87 0.77 6.13 -20.39
C CYS E 87 0.04 4.94 -19.81
N GLN E 88 -0.05 4.88 -18.47
CA GLN E 88 -0.61 3.71 -17.81
C GLN E 88 -1.33 4.11 -16.53
N GLN E 89 -2.36 3.36 -16.16
CA GLN E 89 -3.17 3.66 -14.99
C GLN E 89 -3.45 2.42 -14.13
N TRP E 90 -3.55 2.63 -12.81
CA TRP E 90 -3.84 1.58 -11.84
C TRP E 90 -5.10 1.86 -11.04
N THR E 91 -5.93 2.81 -11.47
CA THR E 91 -7.04 3.28 -10.66
C THR E 91 -8.14 2.24 -10.53
N SER E 92 -8.34 1.40 -11.52
CA SER E 92 -9.44 0.46 -11.52
C SER E 92 -8.95 -0.88 -12.03
N ASN E 93 -9.85 -1.83 -12.08
CA ASN E 93 -9.48 -3.17 -12.49
C ASN E 93 -10.02 -3.47 -13.87
N PRO E 94 -9.22 -3.98 -14.80
CA PRO E 94 -7.77 -4.14 -14.79
C PRO E 94 -7.01 -2.83 -15.01
N PRO E 95 -5.71 -2.82 -14.77
CA PRO E 95 -4.85 -1.78 -15.32
C PRO E 95 -4.78 -1.84 -16.84
N THR E 96 -4.55 -0.69 -17.45
CA THR E 96 -4.59 -0.56 -18.90
C THR E 96 -3.51 0.38 -19.38
N PHE E 97 -3.13 0.23 -20.63
CA PHE E 97 -2.08 1.00 -21.27
C PHE E 97 -2.65 1.77 -22.45
N GLY E 98 -2.11 2.95 -22.68
CA GLY E 98 -2.48 3.73 -23.85
C GLY E 98 -1.96 3.17 -25.15
N GLY E 99 -2.52 3.68 -26.25
CA GLY E 99 -2.13 3.28 -27.59
C GLY E 99 -0.74 3.72 -28.02
N GLY E 100 -0.05 4.52 -27.22
CA GLY E 100 1.31 4.93 -27.53
C GLY E 100 1.49 6.11 -28.47
N THR E 101 2.59 6.82 -28.28
CA THR E 101 3.04 7.91 -29.14
C THR E 101 4.44 7.67 -29.66
N LYS E 102 4.67 7.87 -30.95
CA LYS E 102 5.97 7.65 -31.55
C LYS E 102 6.66 8.98 -31.83
N LEU E 103 7.89 9.14 -31.37
CA LEU E 103 8.63 10.39 -31.52
C LEU E 103 9.70 10.27 -32.62
N GLU E 104 9.55 11.06 -33.68
CA GLU E 104 10.52 11.18 -34.78
C GLU E 104 11.51 12.31 -34.57
N ILE E 105 12.49 12.38 -35.46
CA ILE E 105 13.34 13.55 -35.61
C ILE E 105 13.07 14.22 -36.95
N LYS E 106 12.78 15.52 -36.96
CA LYS E 106 12.63 16.14 -38.26
C LYS E 106 13.96 16.33 -38.94
N ARG E 107 13.91 16.39 -40.26
CA ARG E 107 15.01 16.84 -41.10
C ARG E 107 14.40 17.48 -42.36
N THR E 108 15.27 17.90 -43.28
CA THR E 108 14.82 18.38 -44.58
C THR E 108 14.22 17.26 -45.43
N VAL E 109 13.40 17.66 -46.39
CA VAL E 109 12.81 16.75 -47.37
C VAL E 109 13.86 16.19 -48.33
N ALA E 110 13.78 14.89 -48.61
CA ALA E 110 14.69 14.21 -49.52
C ALA E 110 13.92 13.25 -50.42
N ALA E 111 13.97 13.47 -51.74
CA ALA E 111 13.33 12.57 -52.70
C ALA E 111 14.07 11.23 -52.82
N PRO E 112 13.33 10.13 -53.00
CA PRO E 112 13.97 8.81 -53.10
C PRO E 112 14.74 8.56 -54.40
N SER E 113 15.88 7.88 -54.27
CA SER E 113 16.55 7.24 -55.41
C SER E 113 15.86 5.92 -55.74
N VAL E 114 15.41 5.76 -56.99
CA VAL E 114 14.62 4.62 -57.39
C VAL E 114 15.40 3.66 -58.27
N PHE E 115 15.28 2.35 -58.00
CA PHE E 115 15.93 1.29 -58.75
C PHE E 115 14.91 0.16 -58.96
N ILE E 116 15.05 -0.57 -60.07
CA ILE E 116 14.22 -1.74 -60.35
C ILE E 116 15.07 -2.93 -60.79
N PHE E 117 14.72 -4.12 -60.31
CA PHE E 117 15.45 -5.34 -60.65
C PHE E 117 14.54 -6.36 -61.32
N PRO E 118 14.78 -6.71 -62.58
CA PRO E 118 14.10 -7.87 -63.19
C PRO E 118 14.46 -9.16 -62.49
N PRO E 119 13.63 -10.20 -62.62
CA PRO E 119 13.97 -11.51 -62.06
C PRO E 119 15.31 -12.03 -62.53
N SER E 120 16.02 -12.71 -61.63
CA SER E 120 17.24 -13.43 -61.96
C SER E 120 16.96 -14.67 -62.80
N ASP E 121 17.93 -14.99 -63.65
CA ASP E 121 17.87 -16.19 -64.47
C ASP E 121 17.72 -17.45 -63.62
N GLU E 122 18.33 -17.46 -62.43
CA GLU E 122 18.25 -18.60 -61.52
C GLU E 122 16.84 -18.76 -60.95
N GLN E 123 16.16 -17.66 -60.67
CA GLN E 123 14.78 -17.78 -60.20
C GLN E 123 13.84 -18.31 -61.27
N LEU E 124 14.00 -17.87 -62.52
CA LEU E 124 13.11 -18.38 -63.56
C LEU E 124 13.24 -19.88 -63.75
N LYS E 125 14.45 -20.44 -63.62
CA LYS E 125 14.59 -21.90 -63.62
C LYS E 125 13.91 -22.57 -62.44
N SER E 126 13.70 -21.85 -61.34
CA SER E 126 12.94 -22.40 -60.22
C SER E 126 11.45 -22.25 -60.35
N GLY E 127 10.94 -21.62 -61.41
CA GLY E 127 9.52 -21.50 -61.58
C GLY E 127 8.89 -20.32 -60.87
N THR E 128 9.68 -19.37 -60.40
CA THR E 128 9.16 -18.22 -59.68
C THR E 128 9.63 -16.92 -60.33
N ALA E 129 8.76 -15.91 -60.30
CA ALA E 129 9.11 -14.55 -60.70
C ALA E 129 8.88 -13.62 -59.50
N SER E 130 9.92 -12.92 -59.08
CA SER E 130 9.77 -11.83 -58.13
C SER E 130 10.28 -10.51 -58.71
N VAL E 131 9.47 -9.46 -58.60
CA VAL E 131 9.86 -8.14 -59.07
C VAL E 131 10.04 -7.21 -57.88
N VAL E 132 11.20 -6.59 -57.75
CA VAL E 132 11.52 -5.70 -56.63
C VAL E 132 11.60 -4.26 -57.11
N CYS E 133 10.85 -3.37 -56.48
CA CYS E 133 10.92 -1.93 -56.72
C CYS E 133 11.55 -1.30 -55.47
N LEU E 134 12.63 -0.54 -55.65
CA LEU E 134 13.39 -0.01 -54.51
C LEU E 134 13.35 1.51 -54.48
N LEU E 135 12.96 2.07 -53.34
CA LEU E 135 13.04 3.50 -53.04
C LEU E 135 14.10 3.73 -51.97
N ASN E 136 15.12 4.51 -52.28
CA ASN E 136 16.28 4.67 -51.40
C ASN E 136 16.39 6.07 -50.81
N ASN E 137 16.66 6.12 -49.50
CA ASN E 137 17.06 7.30 -48.74
C ASN E 137 16.14 8.51 -48.99
N PHE E 138 14.90 8.39 -48.52
CA PHE E 138 13.92 9.45 -48.72
C PHE E 138 13.33 9.94 -47.41
N TYR E 139 12.81 11.15 -47.46
CA TYR E 139 12.06 11.76 -46.38
C TYR E 139 11.02 12.74 -46.92
N PRO E 140 9.83 12.81 -46.30
CA PRO E 140 9.25 12.06 -45.18
C PRO E 140 8.92 10.63 -45.53
N ARG E 141 8.50 9.86 -44.53
CA ARG E 141 8.22 8.46 -44.74
C ARG E 141 7.10 8.24 -45.73
N GLU E 142 6.14 9.15 -45.80
CA GLU E 142 4.96 8.93 -46.62
C GLU E 142 5.33 8.84 -48.09
N ALA E 143 5.05 7.69 -48.69
CA ALA E 143 5.35 7.42 -50.08
C ALA E 143 4.29 6.46 -50.58
N LYS E 144 4.01 6.46 -51.87
CA LYS E 144 3.09 5.47 -52.43
C LYS E 144 3.61 4.86 -53.72
N VAL E 145 3.60 3.54 -53.81
CA VAL E 145 3.99 2.82 -55.02
C VAL E 145 2.78 2.09 -55.58
N GLN E 146 2.47 2.33 -56.86
CA GLN E 146 1.50 1.55 -57.62
C GLN E 146 2.22 0.75 -58.69
N TRP E 147 1.97 -0.56 -58.72
CA TRP E 147 2.44 -1.42 -59.80
C TRP E 147 1.52 -1.41 -61.01
N LYS E 148 2.11 -1.25 -62.19
CA LYS E 148 1.38 -1.31 -63.45
C LYS E 148 2.13 -2.28 -64.38
N VAL E 149 1.39 -3.17 -65.01
CA VAL E 149 1.94 -4.13 -65.97
C VAL E 149 1.21 -3.98 -67.30
N ASP E 150 1.95 -3.66 -68.35
CA ASP E 150 1.37 -3.24 -69.63
C ASP E 150 0.28 -2.20 -69.41
N ASN E 151 0.59 -1.22 -68.56
CA ASN E 151 -0.31 -0.15 -68.15
C ASN E 151 -1.55 -0.66 -67.42
N ALA E 152 -1.56 -1.91 -66.97
CA ALA E 152 -2.67 -2.42 -66.17
C ALA E 152 -2.32 -2.45 -64.69
N LEU E 153 -3.20 -1.90 -63.86
CA LEU E 153 -2.98 -1.76 -62.42
C LEU E 153 -3.00 -3.10 -61.70
N GLN E 154 -1.93 -3.40 -60.99
CA GLN E 154 -1.87 -4.62 -60.20
C GLN E 154 -2.48 -4.32 -58.83
N SER E 155 -3.03 -5.36 -58.19
CA SER E 155 -3.61 -5.17 -56.87
C SER E 155 -3.57 -6.46 -56.08
N GLY E 156 -3.32 -6.35 -54.76
CA GLY E 156 -3.42 -7.49 -53.87
C GLY E 156 -2.31 -8.50 -53.98
N ASN E 157 -1.30 -8.24 -54.80
CA ASN E 157 -0.22 -9.18 -55.10
C ASN E 157 1.15 -8.69 -54.69
N SER E 158 1.25 -7.67 -53.85
CA SER E 158 2.54 -7.10 -53.49
C SER E 158 2.64 -6.94 -51.98
N GLN E 159 3.85 -7.06 -51.47
CA GLN E 159 4.20 -6.74 -50.10
C GLN E 159 5.43 -5.85 -50.10
N GLU E 160 5.48 -4.96 -49.11
CA GLU E 160 6.57 -4.00 -49.01
C GLU E 160 6.99 -3.85 -47.56
N SER E 161 8.24 -3.47 -47.37
CA SER E 161 8.83 -3.35 -46.05
C SER E 161 9.84 -2.22 -46.03
N VAL E 162 9.93 -1.54 -44.89
CA VAL E 162 10.70 -0.32 -44.74
C VAL E 162 11.60 -0.46 -43.52
N THR E 163 12.81 0.12 -43.61
CA THR E 163 13.71 0.12 -42.48
C THR E 163 13.14 0.99 -41.37
N GLU E 164 13.71 0.88 -40.18
CA GLU E 164 13.55 2.00 -39.28
C GLU E 164 14.37 3.19 -39.76
N GLN E 165 14.15 4.33 -39.13
CA GLN E 165 14.92 5.53 -39.42
C GLN E 165 16.37 5.50 -38.97
N ASP E 166 17.28 5.76 -39.91
CA ASP E 166 18.70 5.67 -39.64
C ASP E 166 19.11 6.85 -38.75
N SER E 167 19.83 6.55 -37.67
CA SER E 167 20.18 7.54 -36.67
C SER E 167 21.20 8.57 -37.14
N LYS E 168 21.89 8.34 -38.25
CA LYS E 168 22.93 9.26 -38.70
C LYS E 168 22.50 10.22 -39.80
N ASP E 169 21.52 9.85 -40.61
CA ASP E 169 21.04 10.77 -41.63
C ASP E 169 19.52 10.96 -41.59
N SER E 170 18.83 10.26 -40.70
CA SER E 170 17.39 10.37 -40.54
C SER E 170 16.58 10.05 -41.80
N THR E 171 17.09 9.30 -42.77
CA THR E 171 16.27 8.94 -43.90
C THR E 171 15.72 7.53 -43.77
N TYR E 172 14.79 7.20 -44.66
CA TYR E 172 14.19 5.88 -44.75
C TYR E 172 14.55 5.23 -46.08
N SER E 173 14.51 3.90 -46.13
CA SER E 173 14.53 3.19 -47.39
C SER E 173 13.38 2.20 -47.42
N LEU E 174 12.78 2.01 -48.58
CA LEU E 174 11.66 1.10 -48.73
C LEU E 174 11.89 0.16 -49.91
N SER E 175 11.52 -1.10 -49.76
CA SER E 175 11.42 -2.03 -50.88
C SER E 175 10.00 -2.56 -50.99
N SER E 176 9.47 -2.57 -52.21
CA SER E 176 8.17 -3.15 -52.52
C SER E 176 8.40 -4.31 -53.49
N THR E 177 7.73 -5.43 -53.26
CA THR E 177 7.94 -6.60 -54.09
C THR E 177 6.64 -7.07 -54.72
N LEU E 178 6.66 -7.22 -56.04
CA LEU E 178 5.58 -7.83 -56.81
C LEU E 178 5.97 -9.23 -57.22
N THR E 179 5.08 -10.19 -56.95
CA THR E 179 5.34 -11.59 -57.28
C THR E 179 4.21 -12.14 -58.12
N LEU E 180 4.59 -12.80 -59.21
CA LEU E 180 3.68 -13.42 -60.17
C LEU E 180 4.17 -14.83 -60.43
N SER E 181 3.27 -15.68 -60.92
CA SER E 181 3.73 -16.93 -61.50
C SER E 181 4.54 -16.66 -62.76
N LYS E 182 5.47 -17.59 -63.05
CA LYS E 182 6.26 -17.52 -64.28
C LYS E 182 5.37 -17.45 -65.52
N ALA E 183 4.32 -18.25 -65.55
CA ALA E 183 3.41 -18.24 -66.69
C ALA E 183 2.74 -16.90 -66.88
N ASP E 184 2.46 -16.18 -65.80
CA ASP E 184 1.93 -14.83 -65.91
C ASP E 184 3.01 -13.79 -66.18
N TYR E 185 4.23 -13.99 -65.67
CA TYR E 185 5.29 -13.04 -65.99
C TYR E 185 5.57 -12.97 -67.48
N GLU E 186 5.60 -14.11 -68.16
CA GLU E 186 5.88 -14.09 -69.60
C GLU E 186 4.65 -13.80 -70.46
N LYS E 187 3.52 -13.44 -69.89
CA LYS E 187 2.39 -13.06 -70.72
C LYS E 187 2.39 -11.58 -71.09
N HIS E 188 3.32 -10.80 -70.56
CA HIS E 188 3.25 -9.36 -70.75
C HIS E 188 4.62 -8.83 -71.08
N LYS E 189 4.66 -7.62 -71.62
CA LYS E 189 5.91 -7.02 -72.03
C LYS E 189 6.38 -5.94 -71.09
N VAL E 190 5.56 -4.95 -70.77
CA VAL E 190 6.01 -3.81 -69.99
C VAL E 190 5.55 -4.04 -68.55
N TYR E 191 6.51 -4.00 -67.64
CA TYR E 191 6.31 -4.10 -66.20
C TYR E 191 6.78 -2.82 -65.51
N ALA E 192 5.94 -2.24 -64.66
CA ALA E 192 6.30 -0.95 -64.06
C ALA E 192 5.82 -0.86 -62.62
N CYS E 193 6.58 -0.10 -61.81
CA CYS E 193 6.14 0.48 -60.56
C CYS E 193 6.14 2.00 -60.67
N GLU E 194 5.08 2.63 -60.18
CA GLU E 194 4.95 4.09 -60.14
C GLU E 194 5.05 4.63 -58.73
N VAL E 195 5.99 5.56 -58.52
CA VAL E 195 6.35 6.10 -57.22
C VAL E 195 5.79 7.52 -57.11
N THR E 196 5.14 7.82 -55.99
CA THR E 196 4.69 9.17 -55.68
C THR E 196 5.21 9.61 -54.32
N HIS E 197 5.76 10.82 -54.24
CA HIS E 197 6.31 11.30 -52.98
C HIS E 197 6.30 12.82 -52.98
N GLN E 198 6.33 13.38 -51.77
CA GLN E 198 6.30 14.84 -51.59
C GLN E 198 7.49 15.54 -52.24
N GLY E 199 8.62 14.86 -52.32
CA GLY E 199 9.80 15.41 -52.97
C GLY E 199 9.80 15.35 -54.49
N LEU E 200 8.78 14.77 -55.09
CA LEU E 200 8.71 14.58 -56.53
C LEU E 200 7.62 15.46 -57.12
N SER E 201 7.97 16.20 -58.18
CA SER E 201 7.00 17.08 -58.81
C SER E 201 5.96 16.31 -59.61
N SER E 202 6.28 15.09 -60.02
CA SER E 202 5.33 14.18 -60.65
C SER E 202 5.81 12.78 -60.36
N PRO E 203 4.93 11.78 -60.45
CA PRO E 203 5.39 10.40 -60.25
C PRO E 203 6.53 10.05 -61.18
N VAL E 204 7.46 9.24 -60.67
CA VAL E 204 8.56 8.71 -61.46
C VAL E 204 8.32 7.22 -61.66
N THR E 205 8.33 6.77 -62.90
CA THR E 205 8.16 5.35 -63.19
C THR E 205 9.51 4.78 -63.63
N LYS E 206 9.88 3.65 -63.04
CA LYS E 206 10.95 2.83 -63.55
C LYS E 206 10.36 1.50 -64.01
N SER E 207 10.67 1.13 -65.24
CA SER E 207 10.05 -0.02 -65.86
C SER E 207 11.06 -0.64 -66.82
N PHE E 208 10.75 -1.86 -67.23
CA PHE E 208 11.55 -2.53 -68.24
C PHE E 208 10.61 -3.41 -69.06
N ASN E 209 11.08 -3.78 -70.24
CA ASN E 209 10.40 -4.76 -71.06
C ASN E 209 10.95 -6.14 -70.72
N ARG E 210 10.06 -7.11 -70.55
CA ARG E 210 10.52 -8.47 -70.34
C ARG E 210 11.31 -8.95 -71.54
N GLY E 211 12.46 -9.54 -71.25
CA GLY E 211 13.35 -10.03 -72.28
C GLY E 211 14.20 -8.96 -72.91
N GLU E 212 14.40 -7.85 -72.22
CA GLU E 212 15.17 -6.71 -72.72
C GLU E 212 16.49 -6.65 -71.96
N CYS E 213 17.56 -7.16 -72.57
CA CYS E 213 18.83 -7.27 -71.87
C CYS E 213 20.04 -7.35 -72.80
N GLN F 1 -9.04 3.23 19.30
CA GLN F 1 -7.81 2.77 19.92
C GLN F 1 -8.03 1.42 20.58
N ILE F 2 -7.17 0.44 20.28
CA ILE F 2 -7.30 -0.88 20.85
C ILE F 2 -6.01 -1.22 21.57
N VAL F 3 -6.11 -2.02 22.61
CA VAL F 3 -5.00 -2.23 23.51
C VAL F 3 -4.54 -3.67 23.38
N LEU F 4 -3.23 -3.86 23.45
CA LEU F 4 -2.61 -5.17 23.35
C LEU F 4 -2.06 -5.56 24.71
N SER F 5 -2.46 -6.71 25.23
CA SER F 5 -1.96 -7.20 26.50
C SER F 5 -0.98 -8.35 26.29
N GLN F 6 0.16 -8.28 26.96
CA GLN F 6 1.20 -9.28 26.83
C GLN F 6 1.33 -10.05 28.13
N SER F 7 1.65 -11.34 28.02
CA SER F 7 1.92 -12.18 29.18
C SER F 7 2.95 -13.22 28.82
N PRO F 8 3.72 -13.71 29.79
CA PRO F 8 3.89 -13.17 31.14
C PRO F 8 4.69 -11.89 31.16
N ALA F 9 4.72 -11.20 32.30
CA ALA F 9 5.54 -10.00 32.43
C ALA F 9 7.02 -10.33 32.41
N ILE F 10 7.43 -11.32 33.20
CA ILE F 10 8.78 -11.85 33.16
C ILE F 10 8.70 -13.33 32.82
N LEU F 11 9.46 -13.74 31.82
CA LEU F 11 9.49 -15.10 31.31
C LEU F 11 10.84 -15.71 31.62
N SER F 12 10.85 -16.93 32.12
CA SER F 12 12.08 -17.53 32.61
C SER F 12 12.36 -18.90 32.00
N ALA F 13 13.56 -19.09 31.45
CA ALA F 13 13.97 -20.36 30.83
C ALA F 13 15.48 -20.53 30.87
N SER F 14 15.98 -21.89 30.85
CA SER F 14 17.32 -22.44 30.69
C SER F 14 17.68 -22.63 29.23
N PRO F 15 18.94 -22.51 28.82
CA PRO F 15 19.31 -22.78 27.43
C PRO F 15 18.83 -24.12 26.92
N GLY F 16 18.26 -24.14 25.71
CA GLY F 16 17.72 -25.36 25.12
C GLY F 16 16.29 -25.69 25.44
N GLU F 17 15.66 -24.98 26.35
CA GLU F 17 14.22 -25.06 26.54
C GLU F 17 13.48 -24.52 25.33
N LYS F 18 12.29 -25.03 25.13
CA LYS F 18 11.30 -24.33 24.32
C LYS F 18 10.58 -23.32 25.21
N VAL F 19 10.26 -22.14 24.67
CA VAL F 19 9.49 -21.13 25.39
C VAL F 19 8.51 -20.46 24.45
N THR F 20 7.41 -19.98 25.01
CA THR F 20 6.41 -19.26 24.23
C THR F 20 5.89 -18.06 25.00
N MET F 21 5.50 -17.02 24.27
CA MET F 21 4.92 -15.83 24.85
C MET F 21 3.77 -15.36 23.98
N THR F 22 2.75 -14.80 24.60
CA THR F 22 1.50 -14.52 23.92
C THR F 22 1.12 -13.06 24.01
N CYS F 23 0.45 -12.58 22.96
CA CYS F 23 -0.20 -11.28 22.92
C CYS F 23 -1.67 -11.51 22.65
N ARG F 24 -2.55 -10.90 23.44
CA ARG F 24 -3.97 -10.90 23.14
C ARG F 24 -4.49 -9.49 22.95
N ALA F 25 -5.07 -9.24 21.79
CA ALA F 25 -5.70 -7.97 21.46
C ALA F 25 -7.14 -7.93 21.96
N SER F 26 -7.58 -6.72 22.33
CA SER F 26 -8.98 -6.53 22.67
C SER F 26 -9.89 -6.68 21.47
N SER F 27 -9.36 -6.55 20.25
CA SER F 27 -10.14 -6.79 19.05
C SER F 27 -9.25 -7.46 18.02
N SER F 28 -9.88 -8.13 17.05
CA SER F 28 -9.12 -8.88 16.06
C SER F 28 -8.36 -7.97 15.12
N VAL F 29 -7.13 -8.37 14.78
CA VAL F 29 -6.23 -7.55 13.98
C VAL F 29 -5.74 -8.35 12.78
N SER F 30 -5.37 -7.62 11.72
CA SER F 30 -4.86 -8.24 10.51
C SER F 30 -3.53 -8.93 10.75
N TYR F 31 -2.59 -8.26 11.41
CA TYR F 31 -1.30 -8.86 11.64
C TYR F 31 -0.73 -8.30 12.93
N ILE F 32 0.19 -9.04 13.52
CA ILE F 32 1.06 -8.55 14.57
C ILE F 32 2.50 -8.49 14.11
N HIS F 33 3.18 -7.41 14.46
CA HIS F 33 4.60 -7.22 14.22
C HIS F 33 5.30 -7.31 15.57
N TRP F 34 6.47 -7.93 15.63
CA TRP F 34 7.25 -8.05 16.86
C TRP F 34 8.57 -7.29 16.77
N PHE F 35 8.94 -6.59 17.85
CA PHE F 35 10.22 -5.90 17.96
C PHE F 35 11.05 -6.37 19.14
N GLN F 36 12.38 -6.34 18.99
CA GLN F 36 13.32 -6.60 20.06
C GLN F 36 14.08 -5.33 20.42
N GLN F 37 14.19 -5.05 21.72
CA GLN F 37 15.05 -3.98 22.22
C GLN F 37 15.95 -4.48 23.33
N LYS F 38 17.15 -3.97 23.38
CA LYS F 38 18.09 -4.16 24.47
C LYS F 38 18.39 -2.80 25.08
N PRO F 39 18.74 -2.75 26.35
CA PRO F 39 19.14 -1.47 26.95
C PRO F 39 20.17 -0.72 26.13
N GLY F 40 19.94 0.56 25.91
CA GLY F 40 20.90 1.38 25.21
C GLY F 40 20.85 1.36 23.70
N SER F 41 19.81 0.82 23.07
CA SER F 41 19.70 0.90 21.62
C SER F 41 18.26 1.18 21.21
N SER F 42 18.10 1.61 19.96
CA SER F 42 16.81 1.63 19.31
C SER F 42 16.22 0.23 19.24
N PRO F 43 14.90 0.11 19.19
CA PRO F 43 14.30 -1.18 18.89
C PRO F 43 14.77 -1.71 17.56
N LYS F 44 14.71 -3.03 17.41
CA LYS F 44 14.96 -3.60 16.10
C LYS F 44 13.72 -4.31 15.59
N PRO F 45 13.42 -4.23 14.31
CA PRO F 45 12.37 -5.07 13.76
C PRO F 45 12.78 -6.51 13.81
N TRP F 46 11.83 -7.39 14.12
CA TRP F 46 12.16 -8.78 14.34
C TRP F 46 11.30 -9.75 13.54
N ILE F 47 9.99 -9.61 13.62
CA ILE F 47 9.06 -10.37 12.78
C ILE F 47 8.02 -9.44 12.22
N TYR F 48 7.75 -9.54 10.92
CA TYR F 48 6.74 -8.70 10.32
C TYR F 48 5.65 -9.56 9.71
N ALA F 49 4.44 -9.02 9.68
CA ALA F 49 3.28 -9.69 9.14
C ALA F 49 3.06 -11.09 9.71
N THR F 50 3.01 -11.17 11.03
CA THR F 50 2.72 -12.39 11.78
C THR F 50 3.74 -13.51 11.70
N SER F 51 4.38 -13.71 10.57
CA SER F 51 5.16 -14.95 10.48
C SER F 51 6.39 -14.88 9.59
N ASN F 52 6.80 -13.71 9.13
CA ASN F 52 7.95 -13.58 8.24
C ASN F 52 9.14 -13.05 9.01
N LEU F 53 10.24 -13.77 9.00
CA LEU F 53 11.42 -13.33 9.73
C LEU F 53 12.07 -12.16 9.01
N ALA F 54 12.47 -11.16 9.78
CA ALA F 54 13.27 -10.08 9.25
C ALA F 54 14.67 -10.54 8.90
N SER F 55 15.38 -9.69 8.18
CA SER F 55 16.73 -10.00 7.72
C SER F 55 17.68 -10.30 8.87
N GLY F 56 18.40 -11.40 8.75
CA GLY F 56 19.37 -11.84 9.74
C GLY F 56 18.82 -12.43 11.01
N VAL F 57 17.51 -12.46 11.19
CA VAL F 57 17.00 -13.10 12.41
C VAL F 57 17.32 -14.58 12.40
N PRO F 58 17.96 -15.11 13.44
CA PRO F 58 18.25 -16.55 13.51
C PRO F 58 16.98 -17.38 13.39
N VAL F 59 17.11 -18.54 12.73
CA VAL F 59 16.05 -19.51 12.52
C VAL F 59 15.46 -20.13 13.78
N ARG F 60 16.07 -19.92 14.95
CA ARG F 60 15.43 -20.35 16.18
C ARG F 60 14.02 -19.82 16.38
N PHE F 61 13.73 -18.62 15.87
CA PHE F 61 12.46 -17.95 16.10
C PHE F 61 11.39 -18.37 15.10
N SER F 62 10.14 -18.30 15.54
CA SER F 62 9.02 -18.39 14.62
C SER F 62 7.84 -17.65 15.21
N GLY F 63 6.89 -17.32 14.35
CA GLY F 63 5.71 -16.59 14.77
C GLY F 63 4.45 -17.17 14.18
N SER F 64 3.35 -17.06 14.92
CA SER F 64 2.12 -17.73 14.55
C SER F 64 0.94 -17.05 15.20
N GLY F 65 -0.24 -17.34 14.66
CA GLY F 65 -1.49 -16.91 15.26
C GLY F 65 -2.53 -16.43 14.27
N SER F 66 -3.71 -16.08 14.75
CA SER F 66 -4.72 -15.46 13.90
C SER F 66 -5.80 -14.84 14.77
N GLY F 67 -6.53 -13.90 14.17
CA GLY F 67 -7.62 -13.23 14.82
C GLY F 67 -7.25 -12.36 16.00
N THR F 68 -7.69 -12.72 17.20
CA THR F 68 -7.34 -11.98 18.40
C THR F 68 -6.16 -12.56 19.16
N SER F 69 -5.70 -13.75 18.81
CA SER F 69 -4.71 -14.46 19.60
C SER F 69 -3.47 -14.77 18.77
N TYR F 70 -2.29 -14.41 19.29
CA TYR F 70 -1.05 -14.58 18.58
C TYR F 70 0.03 -15.06 19.52
N SER F 71 1.07 -15.67 18.96
CA SER F 71 2.17 -16.11 19.79
C SER F 71 3.48 -15.99 19.02
N LEU F 72 4.55 -15.87 19.76
CA LEU F 72 5.93 -15.96 19.28
C LEU F 72 6.62 -17.08 20.04
N THR F 73 7.46 -17.85 19.36
CA THR F 73 8.05 -19.02 20.02
C THR F 73 9.54 -19.13 19.73
N ILE F 74 10.31 -19.57 20.72
CA ILE F 74 11.75 -19.77 20.58
C ILE F 74 12.08 -21.21 20.86
N SER F 75 12.69 -21.88 19.88
CA SER F 75 12.90 -23.31 19.99
C SER F 75 13.97 -23.69 21.01
N ARG F 76 15.10 -22.99 21.02
CA ARG F 76 16.22 -23.32 21.93
C ARG F 76 16.91 -22.04 22.40
N VAL F 77 16.49 -21.51 23.56
CA VAL F 77 17.00 -20.21 23.95
C VAL F 77 18.51 -20.27 24.14
N GLU F 78 19.15 -19.15 23.87
CA GLU F 78 20.58 -19.03 23.99
C GLU F 78 20.90 -17.75 24.74
N ALA F 79 22.13 -17.65 25.23
CA ALA F 79 22.47 -16.53 26.08
C ALA F 79 22.29 -15.18 25.41
N GLU F 80 22.35 -15.10 24.09
CA GLU F 80 22.15 -13.82 23.41
C GLU F 80 20.70 -13.48 23.23
N ASP F 81 19.79 -14.38 23.53
CA ASP F 81 18.38 -14.12 23.33
C ASP F 81 17.77 -13.19 24.36
N ALA F 82 18.48 -12.84 25.43
CA ALA F 82 18.00 -11.95 26.48
C ALA F 82 17.69 -10.52 26.06
N ALA F 83 16.40 -10.15 26.02
CA ALA F 83 15.97 -8.84 25.53
C ALA F 83 14.52 -8.64 25.96
N THR F 84 13.98 -7.46 25.65
CA THR F 84 12.54 -7.18 25.78
C THR F 84 11.84 -7.15 24.43
N TYR F 85 10.69 -7.81 24.31
CA TYR F 85 9.95 -7.93 23.06
C TYR F 85 8.62 -7.19 23.08
N TYR F 86 8.41 -6.28 22.15
CA TYR F 86 7.17 -5.52 22.01
C TYR F 86 6.41 -5.99 20.78
N CYS F 87 5.12 -6.29 20.94
CA CYS F 87 4.20 -6.47 19.83
C CYS F 87 3.59 -5.16 19.35
N GLN F 88 3.21 -5.10 18.07
CA GLN F 88 2.68 -3.86 17.51
C GLN F 88 1.64 -4.13 16.44
N GLN F 89 0.67 -3.23 16.32
CA GLN F 89 -0.41 -3.31 15.34
C GLN F 89 -0.59 -2.01 14.57
N TRP F 90 -1.05 -2.12 13.32
CA TRP F 90 -1.40 -0.97 12.48
C TRP F 90 -2.83 -0.98 12.00
N THR F 91 -3.69 -1.80 12.58
CA THR F 91 -5.05 -1.94 12.06
C THR F 91 -5.91 -0.70 12.26
N SER F 92 -5.64 0.10 13.28
CA SER F 92 -6.47 1.26 13.55
C SER F 92 -5.65 2.42 14.08
N ASN F 93 -6.26 3.58 14.09
CA ASN F 93 -5.64 4.78 14.63
C ASN F 93 -5.75 4.86 16.14
N PRO F 94 -4.71 5.36 16.81
CA PRO F 94 -3.33 5.34 16.35
C PRO F 94 -2.75 3.92 16.44
N PRO F 95 -1.66 3.64 15.75
CA PRO F 95 -0.94 2.39 16.02
C PRO F 95 -0.44 2.34 17.45
N THR F 96 -0.45 1.15 18.04
CA THR F 96 -0.15 0.98 19.45
C THR F 96 0.84 -0.15 19.70
N PHE F 97 1.63 -0.01 20.74
CA PHE F 97 2.61 -1.00 21.16
C PHE F 97 2.16 -1.65 22.47
N GLY F 98 2.38 -2.94 22.59
CA GLY F 98 2.13 -3.62 23.84
C GLY F 98 3.07 -3.22 24.96
N GLY F 99 2.72 -3.66 26.17
CA GLY F 99 3.47 -3.40 27.38
C GLY F 99 4.81 -4.10 27.52
N GLY F 100 5.18 -4.98 26.60
CA GLY F 100 6.46 -5.66 26.63
C GLY F 100 6.59 -6.88 27.52
N THR F 101 7.47 -7.80 27.11
CA THR F 101 7.86 -8.97 27.88
C THR F 101 9.37 -9.03 28.08
N LYS F 102 9.82 -9.27 29.29
CA LYS F 102 11.25 -9.33 29.58
C LYS F 102 11.70 -10.78 29.73
N LEU F 103 12.77 -11.16 29.03
CA LEU F 103 13.25 -12.54 29.05
C LEU F 103 14.53 -12.68 29.87
N GLU F 104 14.49 -13.50 30.92
CA GLU F 104 15.63 -13.78 31.81
C GLU F 104 16.32 -15.09 31.46
N ILE F 105 17.43 -15.32 32.14
CA ILE F 105 18.11 -16.62 32.15
C ILE F 105 17.94 -17.30 33.50
N LYS F 106 17.47 -18.55 33.52
CA LYS F 106 17.48 -19.26 34.80
C LYS F 106 18.88 -19.66 35.22
N ARG F 107 19.04 -19.78 36.53
CA ARG F 107 20.22 -20.35 37.16
C ARG F 107 19.81 -20.83 38.55
N THR F 108 20.74 -21.47 39.26
CA THR F 108 20.49 -21.84 40.65
C THR F 108 20.39 -20.63 41.56
N VAL F 109 19.72 -20.84 42.70
CA VAL F 109 19.60 -19.85 43.76
C VAL F 109 20.94 -19.54 44.42
N ALA F 110 21.25 -18.26 44.56
CA ALA F 110 22.45 -17.78 45.25
C ALA F 110 22.07 -16.73 46.29
N ALA F 111 22.39 -17.00 47.56
CA ALA F 111 22.14 -16.03 48.62
C ALA F 111 23.11 -14.85 48.56
N PRO F 112 22.66 -13.64 48.89
CA PRO F 112 23.54 -12.46 48.86
C PRO F 112 24.56 -12.42 49.99
N SER F 113 25.77 -11.96 49.65
CA SER F 113 26.72 -11.47 50.65
C SER F 113 26.38 -10.03 51.04
N VAL F 114 26.27 -9.77 52.34
CA VAL F 114 25.84 -8.47 52.84
C VAL F 114 26.99 -7.70 53.49
N PHE F 115 27.06 -6.40 53.20
CA PHE F 115 28.08 -5.50 53.74
C PHE F 115 27.41 -4.19 54.12
N ILE F 116 27.91 -3.54 55.17
CA ILE F 116 27.39 -2.24 55.63
C ILE F 116 28.53 -1.25 55.87
N PHE F 117 28.34 -0.01 55.42
CA PHE F 117 29.35 1.05 55.56
C PHE F 117 28.83 2.22 56.39
N PRO F 118 29.40 2.50 57.55
CA PRO F 118 29.13 3.76 58.25
C PRO F 118 29.58 4.96 57.44
N PRO F 119 29.03 6.14 57.73
CA PRO F 119 29.50 7.38 57.08
C PRO F 119 30.99 7.65 57.27
N SER F 120 31.59 8.25 56.25
CA SER F 120 32.94 8.79 56.30
C SER F 120 33.00 10.10 57.08
N ASP F 121 34.14 10.35 57.71
CA ASP F 121 34.38 11.60 58.41
C ASP F 121 34.27 12.82 57.49
N GLU F 122 34.63 12.65 56.22
CA GLU F 122 34.50 13.76 55.26
C GLU F 122 33.04 14.11 55.03
N GLN F 123 32.16 13.11 55.02
CA GLN F 123 30.75 13.43 54.88
C GLN F 123 30.21 14.09 56.13
N LEU F 124 30.57 13.58 57.31
CA LEU F 124 30.09 14.19 58.54
C LEU F 124 30.57 15.63 58.67
N LYS F 125 31.82 15.90 58.27
CA LYS F 125 32.30 17.27 58.22
C LYS F 125 31.54 18.14 57.22
N SER F 126 30.94 17.54 56.20
CA SER F 126 30.09 18.32 55.31
C SER F 126 28.65 18.48 55.79
N GLY F 127 28.26 17.78 56.85
CA GLY F 127 26.92 17.94 57.37
C GLY F 127 25.93 16.88 56.93
N THR F 128 26.39 15.81 56.29
CA THR F 128 25.51 14.78 55.76
C THR F 128 25.86 13.41 56.32
N ALA F 129 24.83 12.58 56.51
CA ALA F 129 24.99 11.16 56.84
C ALA F 129 24.32 10.34 55.76
N SER F 130 25.09 9.47 55.10
CA SER F 130 24.52 8.45 54.23
C SER F 130 24.91 7.05 54.69
N VAL F 131 23.93 6.17 54.87
CA VAL F 131 24.15 4.80 55.28
C VAL F 131 23.86 3.87 54.11
N VAL F 132 24.81 3.02 53.75
CA VAL F 132 24.68 2.13 52.60
C VAL F 132 24.61 0.68 53.06
N CYS F 133 23.57 -0.03 52.63
CA CYS F 133 23.41 -1.46 52.84
C CYS F 133 23.61 -2.17 51.50
N LEU F 134 24.58 -3.07 51.41
CA LEU F 134 24.94 -3.72 50.15
C LEU F 134 24.60 -5.21 50.18
N LEU F 135 23.88 -5.66 49.16
CA LEU F 135 23.61 -7.06 48.87
C LEU F 135 24.32 -7.48 47.59
N ASN F 136 25.23 -8.44 47.69
CA ASN F 136 26.11 -8.78 46.58
C ASN F 136 25.87 -10.17 46.01
N ASN F 137 25.84 -10.25 44.68
CA ASN F 137 25.87 -11.50 43.89
C ASN F 137 24.83 -12.53 44.33
N PHE F 138 23.56 -12.23 44.04
CA PHE F 138 22.49 -13.08 44.50
C PHE F 138 21.50 -13.39 43.38
N TYR F 139 20.71 -14.43 43.61
CA TYR F 139 19.60 -14.86 42.77
C TYR F 139 18.52 -15.58 43.57
N PRO F 140 17.23 -15.34 43.27
CA PRO F 140 16.58 -14.48 42.29
C PRO F 140 16.70 -13.00 42.60
N ARG F 141 16.27 -12.18 41.64
CA ARG F 141 16.30 -10.73 41.85
C ARG F 141 15.45 -10.32 43.05
N GLU F 142 14.35 -11.02 43.29
CA GLU F 142 13.40 -10.57 44.30
C GLU F 142 13.98 -10.72 45.70
N ALA F 143 14.10 -9.59 46.40
CA ALA F 143 14.71 -9.52 47.72
C ALA F 143 14.01 -8.38 48.45
N LYS F 144 14.09 -8.37 49.78
CA LYS F 144 13.55 -7.24 50.54
C LYS F 144 14.50 -6.74 51.61
N VAL F 145 14.67 -5.41 51.70
CA VAL F 145 15.51 -4.80 52.73
C VAL F 145 14.64 -3.83 53.54
N GLN F 146 14.60 -4.04 54.87
CA GLN F 146 14.01 -3.08 55.81
C GLN F 146 15.09 -2.47 56.69
N TRP F 147 15.11 -1.14 56.76
CA TRP F 147 15.95 -0.42 57.71
C TRP F 147 15.32 -0.31 59.09
N LYS F 148 16.10 -0.60 60.13
CA LYS F 148 15.70 -0.42 61.52
C LYS F 148 16.81 0.37 62.23
N VAL F 149 16.42 1.39 62.98
CA VAL F 149 17.37 2.20 63.76
C VAL F 149 16.95 2.19 65.22
N ASP F 150 17.83 1.71 66.09
CA ASP F 150 17.48 1.39 67.47
C ASP F 150 16.17 0.61 67.54
N ASN F 151 16.08 -0.41 66.68
CA ASN F 151 14.89 -1.24 66.52
C ASN F 151 13.66 -0.46 66.07
N ALA F 152 13.83 0.77 65.60
CA ALA F 152 12.72 1.54 65.04
C ALA F 152 12.73 1.50 63.52
N LEU F 153 11.59 1.12 62.95
CA LEU F 153 11.43 0.99 61.50
C LEU F 153 11.50 2.33 60.78
N GLN F 154 12.40 2.44 59.82
CA GLN F 154 12.50 3.65 59.02
C GLN F 154 11.60 3.48 57.80
N SER F 155 11.08 4.60 57.28
CA SER F 155 10.27 4.53 56.07
C SER F 155 10.33 5.84 55.30
N GLY F 156 10.35 5.74 53.97
CA GLY F 156 10.25 6.89 53.10
C GLY F 156 11.53 7.69 52.94
N ASN F 157 12.61 7.28 53.58
CA ASN F 157 13.88 7.99 53.56
C ASN F 157 15.03 7.24 52.90
N SER F 158 14.74 6.19 52.13
CA SER F 158 15.80 5.43 51.49
C SER F 158 15.50 5.23 50.01
N GLN F 159 16.58 5.11 49.23
CA GLN F 159 16.51 4.73 47.84
C GLN F 159 17.48 3.59 47.59
N GLU F 160 17.12 2.74 46.63
CA GLU F 160 17.89 1.58 46.26
C GLU F 160 18.03 1.49 44.75
N SER F 161 19.08 0.82 44.30
CA SER F 161 19.24 0.55 42.88
C SER F 161 19.96 -0.78 42.69
N VAL F 162 19.62 -1.46 41.60
CA VAL F 162 20.13 -2.78 41.29
C VAL F 162 20.76 -2.78 39.90
N THR F 163 21.86 -3.49 39.75
CA THR F 163 22.52 -3.54 38.45
C THR F 163 21.66 -4.27 37.44
N GLU F 164 22.02 -4.15 36.18
CA GLU F 164 21.56 -5.13 35.20
C GLU F 164 22.13 -6.49 35.56
N GLN F 165 21.56 -7.53 34.97
CA GLN F 165 22.08 -8.87 35.19
C GLN F 165 23.40 -9.13 34.48
N ASP F 166 24.31 -9.76 35.21
CA ASP F 166 25.63 -10.10 34.69
C ASP F 166 25.52 -11.19 33.62
N SER F 167 26.19 -10.97 32.50
CA SER F 167 26.10 -11.88 31.36
C SER F 167 26.86 -13.18 31.56
N LYS F 168 27.72 -13.30 32.58
CA LYS F 168 28.46 -14.54 32.77
C LYS F 168 27.87 -15.44 33.84
N ASP F 169 27.42 -14.89 34.96
CA ASP F 169 26.91 -15.76 36.02
C ASP F 169 25.47 -15.47 36.38
N SER F 170 24.83 -14.53 35.70
CA SER F 170 23.41 -14.23 35.87
C SER F 170 23.03 -13.78 37.27
N THR F 171 23.98 -13.34 38.10
CA THR F 171 23.63 -12.85 39.42
C THR F 171 23.33 -11.35 39.37
N TYR F 172 22.77 -10.85 40.46
CA TYR F 172 22.49 -9.43 40.61
C TYR F 172 23.27 -8.89 41.80
N SER F 173 23.51 -7.58 41.80
CA SER F 173 23.96 -6.88 42.99
C SER F 173 23.04 -5.71 43.27
N LEU F 174 22.81 -5.42 44.54
CA LEU F 174 21.83 -4.42 44.92
C LEU F 174 22.42 -3.55 46.02
N SER F 175 22.17 -2.24 45.95
CA SER F 175 22.51 -1.34 47.04
C SER F 175 21.27 -0.58 47.45
N SER F 176 21.10 -0.38 48.75
CA SER F 176 20.11 0.52 49.31
C SER F 176 20.81 1.56 50.16
N THR F 177 20.34 2.81 50.10
CA THR F 177 20.97 3.88 50.86
C THR F 177 19.94 4.56 51.75
N LEU F 178 20.28 4.66 53.03
CA LEU F 178 19.53 5.44 54.02
C LEU F 178 20.23 6.75 54.29
N THR F 179 19.48 7.85 54.20
CA THR F 179 20.05 9.18 54.39
C THR F 179 19.26 9.91 55.45
N LEU F 180 19.99 10.48 56.40
CA LEU F 180 19.46 11.24 57.53
C LEU F 180 20.25 12.53 57.66
N SER F 181 19.67 13.51 58.34
CA SER F 181 20.50 14.62 58.78
C SER F 181 21.49 14.15 59.84
N LYS F 182 22.62 14.86 59.91
CA LYS F 182 23.62 14.62 60.94
C LYS F 182 23.03 14.69 62.34
N ALA F 183 22.19 15.69 62.58
CA ALA F 183 21.56 15.83 63.88
C ALA F 183 20.68 14.64 64.24
N ASP F 184 20.06 14.02 63.25
CA ASP F 184 19.32 12.79 63.49
C ASP F 184 20.21 11.56 63.54
N TYR F 185 21.28 11.52 62.75
CA TYR F 185 22.19 10.38 62.84
C TYR F 185 22.77 10.22 64.24
N GLU F 186 23.17 11.32 64.88
CA GLU F 186 23.75 11.21 66.22
C GLU F 186 22.73 11.14 67.35
N LYS F 187 21.44 11.00 67.06
CA LYS F 187 20.48 10.81 68.14
C LYS F 187 20.31 9.36 68.52
N HIS F 188 20.97 8.43 67.85
CA HIS F 188 20.70 7.02 68.07
C HIS F 188 22.02 6.26 68.14
N LYS F 189 21.94 5.03 68.62
CA LYS F 189 23.11 4.18 68.76
C LYS F 189 23.15 3.07 67.72
N VAL F 190 22.10 2.27 67.62
CA VAL F 190 22.14 1.08 66.78
C VAL F 190 21.42 1.43 65.48
N TYR F 191 22.11 1.22 64.37
CA TYR F 191 21.61 1.37 63.01
C TYR F 191 21.66 0.03 62.27
N ALA F 192 20.55 -0.36 61.65
CA ALA F 192 20.50 -1.69 61.03
C ALA F 192 19.71 -1.66 59.73
N CYS F 193 20.08 -2.53 58.81
CA CYS F 193 19.26 -2.99 57.69
C CYS F 193 19.00 -4.49 57.80
N GLU F 194 17.74 -4.87 57.56
CA GLU F 194 17.31 -6.26 57.60
C GLU F 194 16.97 -6.81 56.22
N VAL F 195 17.61 -7.92 55.84
CA VAL F 195 17.57 -8.49 54.51
C VAL F 195 16.79 -9.80 54.55
N THR F 196 15.77 -9.91 53.72
CA THR F 196 15.05 -11.16 53.51
C THR F 196 15.17 -11.63 52.07
N HIS F 197 15.53 -12.90 51.88
CA HIS F 197 15.66 -13.44 50.54
C HIS F 197 15.36 -14.93 50.54
N GLN F 198 14.98 -15.44 49.37
CA GLN F 198 14.65 -16.85 49.22
C GLN F 198 15.79 -17.78 49.59
N GLY F 199 17.03 -17.34 49.42
CA GLY F 199 18.18 -18.13 49.81
C GLY F 199 18.53 -18.11 51.27
N LEU F 200 17.81 -17.35 52.08
CA LEU F 200 18.10 -17.18 53.49
C LEU F 200 17.02 -17.85 54.33
N SER F 201 17.44 -18.66 55.30
CA SER F 201 16.48 -19.36 56.15
C SER F 201 15.80 -18.41 57.13
N SER F 202 16.41 -17.28 57.41
CA SER F 202 15.80 -16.23 58.23
C SER F 202 16.45 -14.92 57.81
N PRO F 203 15.83 -13.78 58.11
CA PRO F 203 16.48 -12.51 57.78
C PRO F 203 17.85 -12.43 58.43
N VAL F 204 18.79 -11.84 57.71
CA VAL F 204 20.13 -11.56 58.24
C VAL F 204 20.24 -10.06 58.43
N THR F 205 20.60 -9.64 59.63
CA THR F 205 20.79 -8.23 59.92
C THR F 205 22.28 -7.96 60.05
N LYS F 206 22.75 -6.95 59.34
CA LYS F 206 24.06 -6.36 59.59
C LYS F 206 23.86 -4.94 60.08
N SER F 207 24.53 -4.62 61.19
CA SER F 207 24.29 -3.38 61.89
C SER F 207 25.58 -2.94 62.54
N PHE F 208 25.61 -1.69 62.96
CA PHE F 208 26.74 -1.19 63.71
C PHE F 208 26.22 -0.14 64.67
N ASN F 209 27.03 0.14 65.68
CA ASN F 209 26.74 1.18 66.65
C ASN F 209 27.48 2.46 66.29
N ARG F 210 26.75 3.56 66.28
CA ARG F 210 27.34 4.87 66.04
C ARG F 210 28.33 5.19 67.14
N GLY F 211 29.45 5.80 66.76
CA GLY F 211 30.37 6.24 67.78
C GLY F 211 31.12 5.09 68.40
N GLU F 212 31.00 3.90 67.83
CA GLU F 212 31.74 2.71 68.24
C GLU F 212 32.59 2.30 67.05
N CYS F 213 33.91 2.41 67.20
CA CYS F 213 34.84 2.20 66.09
C CYS F 213 36.27 1.85 66.54
CAA Y01 G . -34.24 12.88 -6.31
CBA Y01 G . -34.53 12.95 -4.81
CAB Y01 G . -36.02 12.71 -4.59
CAN Y01 G . -34.19 14.34 -4.31
CAJ Y01 G . -34.12 14.27 -2.79
CAO Y01 G . -33.70 15.64 -2.27
CBB Y01 G . -32.30 15.97 -2.81
CAC Y01 G . -32.43 17.40 -3.36
CBE Y01 G . -31.21 15.83 -1.73
CAP Y01 G . -31.18 14.36 -1.27
CAQ Y01 G . -29.72 13.97 -0.98
CBG Y01 G . -28.95 15.27 -1.17
CBI Y01 G . -29.77 16.06 -2.22
CAE Y01 G . -29.55 15.43 -3.59
CAU Y01 G . -29.23 17.48 -2.18
CAS Y01 G . -27.71 17.50 -2.40
CBF Y01 G . -26.95 16.50 -1.54
CBD Y01 G . -27.55 15.10 -1.69
CAK Y01 G . -26.83 14.10 -0.77
CAI Y01 G . -25.36 14.36 -0.67
CAZ Y01 G . -24.76 15.41 -1.15
CAV Y01 G . -23.26 15.49 -0.99
CBH Y01 G . -25.47 16.49 -1.90
CAD Y01 G . -25.33 16.19 -3.39
CAT Y01 G . -24.91 17.89 -1.65
CAR Y01 G . -23.40 17.87 -1.55
CBC Y01 G . -23.00 16.89 -0.46
OAW Y01 G . -21.63 17.10 -0.08
CAY Y01 G . -21.33 16.80 1.20
OAG Y01 G . -22.17 16.30 1.90
CAM Y01 G . -19.98 17.15 1.75
CAL Y01 G . -19.74 18.65 1.51
CAX Y01 G . -20.81 19.48 2.15
OAH Y01 G . -20.61 20.07 3.34
OAF Y01 G . -21.88 19.63 1.58
CAA Y01 H . -50.12 13.54 -14.76
CBA Y01 H . -50.32 14.04 -13.34
CAB Y01 H . -49.61 13.06 -12.40
CAN Y01 H . -51.82 14.03 -13.05
CAJ Y01 H . -52.53 14.77 -14.18
CAO Y01 H . -53.96 15.07 -13.77
CBB Y01 H . -54.73 15.71 -14.94
CAC Y01 H . -54.82 14.67 -16.06
CBE Y01 H . -56.09 16.11 -14.38
CAP Y01 H . -55.81 17.08 -13.22
CAQ Y01 H . -56.93 18.17 -13.25
CBG Y01 H . -57.91 17.63 -14.30
CBI Y01 H . -56.99 16.92 -15.32
CAE Y01 H . -56.14 17.94 -16.07
CAU Y01 H . -57.91 16.15 -16.26
CAS Y01 H . -58.92 17.09 -16.95
CBF Y01 H . -59.66 18.05 -16.00
CBD Y01 H . -58.70 18.72 -15.02
CAK Y01 H . -59.52 19.48 -13.96
CAI Y01 H . -60.50 20.37 -14.65
CAZ Y01 H . -60.83 20.26 -15.91
CAV Y01 H . -61.75 21.32 -16.48
CBH Y01 H . -60.41 19.12 -16.78
CAD Y01 H . -59.49 19.71 -17.86
CAT Y01 H . -61.62 18.53 -17.51
CAR Y01 H . -62.45 19.61 -18.20
CBC Y01 H . -62.92 20.71 -17.25
OAW Y01 H . -63.50 21.80 -18.01
CAY Y01 H . -64.83 21.90 -18.14
OAG Y01 H . -65.27 22.70 -18.93
CAM Y01 H . -65.75 21.01 -17.31
CAL Y01 H . -67.17 21.53 -17.13
CAX Y01 H . -67.86 21.74 -18.44
OAH Y01 H . -67.76 20.83 -19.41
OAF Y01 H . -68.53 22.74 -18.62
CAA Y01 I . -40.09 -7.14 5.90
CBA Y01 I . -39.72 -5.68 5.70
CAB Y01 I . -40.99 -4.94 5.29
CAN Y01 I . -38.74 -5.58 4.53
CAJ Y01 I . -37.39 -6.14 4.96
CAO Y01 I . -36.41 -5.98 3.81
CBB Y01 I . -34.95 -5.89 4.27
CAC Y01 I . -34.88 -5.46 5.72
CBE Y01 I . -34.30 -7.27 4.16
CAP Y01 I . -35.08 -8.17 3.16
CAQ Y01 I . -34.02 -8.94 2.33
CBG Y01 I . -32.69 -8.60 3.00
CBI Y01 I . -32.92 -7.16 3.52
CAE Y01 I . -32.97 -6.19 2.35
CAU Y01 I . -31.78 -6.85 4.45
CAS Y01 I . -30.44 -7.00 3.70
CBF Y01 I . -30.29 -8.34 2.99
CBD Y01 I . -31.49 -8.54 2.08
CAK Y01 I . -31.39 -9.88 1.33
CAI Y01 I . -30.01 -10.08 0.78
CAZ Y01 I . -28.97 -9.38 1.13
CAV Y01 I . -27.67 -9.67 0.43
CBH Y01 I . -28.99 -8.40 2.23
CAD Y01 I . -28.68 -7.05 1.61
CAT Y01 I . -27.87 -8.73 3.22
CAR Y01 I . -26.52 -8.89 2.53
CBC Y01 I . -26.53 -9.92 1.42
OAW Y01 I . -25.28 -9.78 0.69
CAY Y01 I . -24.58 -10.88 0.38
OAG Y01 I . -24.99 -11.97 0.70
CAM Y01 I . -23.28 -10.75 -0.37
CAL Y01 I . -22.52 -12.07 -0.47
CAX Y01 I . -23.27 -13.06 -1.32
OAH Y01 I . -23.68 -14.22 -0.80
OAF Y01 I . -23.50 -12.81 -2.48
CAA Y01 J . -38.32 14.73 2.87
CBA Y01 J . -38.19 13.24 3.17
CAB Y01 J . -39.45 12.81 3.92
CAN Y01 J . -37.01 13.05 4.11
CAJ Y01 J . -35.70 13.29 3.35
CAO Y01 J . -34.54 13.06 4.30
CBB Y01 J . -33.27 12.56 3.61
CAC Y01 J . -33.62 11.91 2.28
CBE Y01 J . -32.33 13.74 3.34
CAP Y01 J . -32.70 14.94 4.23
CAQ Y01 J . -31.38 15.56 4.75
CBG Y01 J . -30.30 14.80 3.98
CBI Y01 J . -30.92 13.41 3.79
CAE Y01 J . -30.96 12.67 5.12
CAU Y01 J . -30.05 12.70 2.77
CAS Y01 J . -28.62 12.63 3.29
CBF Y01 J . -28.05 13.98 3.69
CBD Y01 J . -28.99 14.60 4.72
CAK Y01 J . -28.48 15.97 5.18
CAI Y01 J . -27.00 15.91 5.48
CAZ Y01 J . -26.22 14.94 5.12
CAV Y01 J . -24.77 15.02 5.53
CBH Y01 J . -26.63 13.85 4.20
CAD Y01 J . -26.49 12.55 4.99
CAT Y01 J . -25.69 13.80 3.01
CAR Y01 J . -24.24 13.71 3.45
CBC Y01 J . -23.81 14.84 4.37
OAW Y01 J . -22.52 14.50 4.93
CAY Y01 J . -21.53 15.41 4.94
OAG Y01 J . -21.73 16.51 4.51
CAM Y01 J . -20.19 15.03 5.51
CAL Y01 J . -19.13 16.10 5.23
CAX Y01 J . -19.41 17.38 5.96
OAH Y01 J . -19.31 17.43 7.30
OAF Y01 J . -19.72 18.36 5.36
CAA Y01 K . -46.42 -4.60 22.73
CBA Y01 K . -47.42 -3.93 23.66
CAB Y01 K . -46.98 -2.48 23.81
CAN Y01 K . -47.30 -4.60 25.02
CAJ Y01 K . -48.42 -4.18 25.97
CAO Y01 K . -49.80 -4.60 25.48
CBB Y01 K . -50.68 -4.76 26.74
CAC Y01 K . -50.41 -3.56 27.65
CBE Y01 K . -52.16 -4.93 26.36
CAP Y01 K . -52.28 -6.10 25.36
CAQ Y01 K . -53.57 -6.90 25.71
CBG Y01 K . -54.23 -6.06 26.80
CBI Y01 K . -53.05 -5.39 27.52
CAE Y01 K . -52.30 -6.40 28.38
CAU Y01 K . -53.65 -4.29 28.38
CAS Y01 K . -54.66 -4.86 29.37
CBF Y01 K . -55.70 -5.78 28.74
CBD Y01 K . -55.02 -6.83 27.86
CAK Y01 K . -56.06 -7.74 27.21
CAI Y01 K . -57.02 -8.26 28.25
CAZ Y01 K . -57.15 -7.73 29.43
CAV Y01 K . -58.11 -8.39 30.42
CBH Y01 K . -56.53 -6.43 29.83
CAD Y01 K . -55.62 -6.70 31.04
CAT Y01 K . -57.59 -5.44 30.29
CAR Y01 K . -58.49 -6.06 31.36
CBC Y01 K . -59.13 -7.37 30.92
OAW Y01 K . -59.87 -7.88 32.07
CAY Y01 K . -60.74 -8.90 31.91
OAG Y01 K . -60.93 -9.40 30.83
CAM Y01 K . -61.54 -9.37 33.10
CAL Y01 K . -62.04 -10.80 32.87
CAX Y01 K . -60.83 -11.69 32.80
OAH Y01 K . -60.51 -12.31 31.64
OAF Y01 K . -60.17 -11.85 33.79
CAA Y01 L . -36.09 -5.92 12.70
CBA Y01 L . -34.56 -5.98 12.62
CAB Y01 L . -33.95 -5.36 13.88
CAN Y01 L . -34.14 -7.44 12.57
CAJ Y01 L . -34.54 -8.04 11.23
CAO Y01 L . -33.57 -9.22 11.06
CBB Y01 L . -33.53 -9.78 9.64
CAC Y01 L . -34.77 -9.29 8.88
CBE Y01 L . -32.27 -9.35 8.85
CAP Y01 L . -31.74 -7.96 9.29
CAQ Y01 L . -30.25 -7.96 8.88
CBG Y01 L . -30.08 -9.31 8.16
CBI Y01 L . -31.02 -10.21 8.99
CAE Y01 L . -30.47 -10.29 10.43
CAU Y01 L . -31.07 -11.59 8.40
CAS Y01 L . -29.65 -12.17 8.28
CBF Y01 L . -28.66 -11.23 7.60
CBD Y01 L . -28.66 -9.82 8.20
CAK Y01 L . -27.83 -8.90 7.31
CAI Y01 L . -26.59 -9.58 6.80
CAZ Y01 L . -26.32 -10.84 6.97
CAV Y01 L . -24.98 -11.36 6.45
CBH Y01 L . -27.25 -11.78 7.66
CAD Y01 L . -26.82 -11.87 9.12
CAT Y01 L . -27.25 -13.22 7.11
CAR Y01 L . -25.86 -13.66 6.72
CBC Y01 L . -25.29 -12.66 5.72
OAW Y01 L . -24.11 -13.24 5.12
CAY Y01 L . -23.79 -12.85 3.88
OAG Y01 L . -24.46 -12.03 3.32
CAM Y01 L . -22.63 -13.49 3.19
CAL Y01 L . -22.84 -15.00 3.29
CAX Y01 L . -24.16 -15.40 2.69
OAH Y01 L . -24.25 -15.75 1.41
OAF Y01 L . -25.15 -15.39 3.38
#